data_2VD1
#
_entry.id   2VD1
#
_cell.length_a   123.521
_cell.length_b   123.521
_cell.length_c   106.289
_cell.angle_alpha   90.00
_cell.angle_beta   90.00
_cell.angle_gamma   90.00
#
_symmetry.space_group_name_H-M   'I 41'
#
loop_
_entity.id
_entity.type
_entity.pdbx_description
1 polymer 'GLUTATHIONE-REQUIRING PROSTAGLANDIN D SYNTHASE'
2 non-polymer GLUTATHIONE
3 non-polymer '4-{[4-(4-fluoro-3-methylphenyl)-1,3-thiazol-2-yl]amino}-2-hydroxybenzoic acid'
4 non-polymer 'MAGNESIUM ION'
5 water water
#
_entity_poly.entity_id   1
_entity_poly.type   'polypeptide(L)'
_entity_poly.pdbx_seq_one_letter_code
;MPNYKLTYFNMRGRAEIIRYIFAYLDIQYEDHRIEQADWPEIKSTLPFGKIPILEVDGLTLHQSLAIARYLTKNTDLAGN
TEMEQCHVDAIVDTLDDFMSCFPWAEKKQDVKEQMFNELLTYNAPHLMQDLDTYLGGREWLIGNSVTWADFYWEICSTTL
LVFKPDLLDNHPRLVTLRKKVQAIPAVANWIKRRPQTKL
;
_entity_poly.pdbx_strand_id   A,B,C,D
#
# COMPACT_ATOMS: atom_id res chain seq x y z
N PRO A 2 37.92 19.56 -17.10
CA PRO A 2 38.91 18.55 -16.71
C PRO A 2 38.90 17.38 -17.70
N ASN A 3 39.93 16.54 -17.62
CA ASN A 3 39.95 15.35 -18.44
C ASN A 3 39.38 14.18 -17.66
N TYR A 4 38.28 13.62 -18.17
CA TYR A 4 37.54 12.54 -17.53
C TYR A 4 37.59 11.23 -18.30
N LYS A 5 37.83 10.13 -17.59
CA LYS A 5 37.79 8.79 -18.18
C LYS A 5 37.01 7.78 -17.32
N LEU A 6 35.89 7.34 -17.87
CA LEU A 6 35.03 6.40 -17.20
C LEU A 6 35.33 4.97 -17.65
N THR A 7 35.50 4.06 -16.70
CA THR A 7 35.72 2.64 -17.01
C THR A 7 34.66 1.76 -16.38
N TYR A 8 34.02 0.92 -17.19
CA TYR A 8 33.00 -0.04 -16.74
C TYR A 8 32.89 -1.15 -17.80
N PHE A 9 31.97 -2.10 -17.63
CA PHE A 9 31.75 -3.10 -18.69
C PHE A 9 30.94 -2.47 -19.84
N ASN A 10 30.79 -3.20 -20.96
CA ASN A 10 29.92 -2.73 -22.06
C ASN A 10 28.51 -3.01 -21.57
N MET A 11 27.99 -2.09 -20.74
CA MET A 11 26.72 -2.31 -20.06
C MET A 11 26.16 -0.99 -19.50
N ARG A 12 24.83 -0.87 -19.36
CA ARG A 12 24.29 0.34 -18.68
C ARG A 12 24.71 0.24 -17.22
N GLY A 13 24.16 -0.75 -16.53
CA GLY A 13 24.48 -1.08 -15.14
C GLY A 13 24.70 0.09 -14.21
N ARG A 14 25.78 0.01 -13.43
CA ARG A 14 26.09 1.05 -12.44
C ARG A 14 26.81 2.26 -13.03
N ALA A 15 27.23 2.17 -14.28
CA ALA A 15 27.87 3.31 -14.89
C ALA A 15 26.86 4.27 -15.49
N GLU A 16 25.69 3.80 -15.89
CA GLU A 16 24.74 4.61 -16.66
C GLU A 16 24.33 5.91 -16.03
N ILE A 17 24.18 5.93 -14.70
CA ILE A 17 23.79 7.17 -14.01
C ILE A 17 24.83 8.24 -14.27
N ILE A 18 26.11 7.87 -14.20
CA ILE A 18 27.22 8.80 -14.51
C ILE A 18 27.15 9.26 -15.98
N ARG A 19 26.89 8.33 -16.89
CA ARG A 19 26.76 8.68 -18.33
C ARG A 19 25.67 9.73 -18.61
N TYR A 20 24.53 9.62 -17.93
CA TYR A 20 23.42 10.59 -18.06
C TYR A 20 23.84 11.97 -17.59
N ILE A 21 24.55 12.01 -16.46
CA ILE A 21 25.00 13.24 -15.86
C ILE A 21 25.96 13.98 -16.77
N PHE A 22 26.94 13.27 -17.29
CA PHE A 22 27.90 13.86 -18.22
C PHE A 22 27.08 14.43 -19.41
N ALA A 23 26.19 13.60 -19.97
CA ALA A 23 25.34 13.99 -21.13
C ALA A 23 24.53 15.24 -20.85
N TYR A 24 23.77 15.24 -19.75
CA TYR A 24 22.91 16.37 -19.37
C TYR A 24 23.68 17.66 -19.09
N LEU A 25 24.83 17.53 -18.43
CA LEU A 25 25.66 18.69 -18.10
C LEU A 25 26.60 19.03 -19.23
N ASP A 26 26.52 18.30 -20.34
CA ASP A 26 27.34 18.57 -21.52
C ASP A 26 28.84 18.57 -21.16
N ILE A 27 29.26 17.53 -20.44
CA ILE A 27 30.64 17.36 -20.02
C ILE A 27 31.23 16.23 -20.86
N GLN A 28 32.38 16.49 -21.51
CA GLN A 28 33.00 15.49 -22.36
C GLN A 28 33.81 14.49 -21.54
N TYR A 29 33.81 13.24 -21.98
CA TYR A 29 34.53 12.22 -21.27
C TYR A 29 34.75 11.02 -22.18
N GLU A 30 35.75 10.23 -21.85
CA GLU A 30 35.99 9.02 -22.60
C GLU A 30 35.16 7.96 -21.92
N ASP A 31 34.31 7.31 -22.72
CA ASP A 31 33.46 6.25 -22.22
C ASP A 31 34.14 4.93 -22.52
N HIS A 32 35.13 4.59 -21.72
CA HIS A 32 35.81 3.33 -21.93
C HIS A 32 35.03 2.11 -21.42
N ARG A 33 34.70 1.21 -22.33
CA ARG A 33 34.03 -0.04 -21.97
C ARG A 33 35.01 -1.19 -22.16
N ILE A 34 35.10 -2.06 -21.16
CA ILE A 34 36.01 -3.21 -21.21
C ILE A 34 35.25 -4.52 -21.32
N GLU A 35 35.92 -5.53 -21.85
CA GLU A 35 35.35 -6.88 -21.96
C GLU A 35 35.92 -7.66 -20.79
N GLN A 36 35.27 -8.77 -20.41
CA GLN A 36 35.72 -9.62 -19.29
C GLN A 36 37.24 -9.89 -19.26
N ALA A 37 37.85 -10.07 -20.43
CA ALA A 37 39.28 -10.35 -20.58
C ALA A 37 40.19 -9.24 -20.04
N ASP A 38 39.72 -7.99 -20.10
CA ASP A 38 40.51 -6.86 -19.62
C ASP A 38 40.31 -6.61 -18.12
N TRP A 39 39.46 -7.42 -17.49
CA TRP A 39 39.09 -7.19 -16.09
C TRP A 39 40.16 -7.58 -15.06
N PRO A 40 40.56 -8.87 -14.96
CA PRO A 40 41.63 -9.23 -14.01
C PRO A 40 42.84 -8.29 -14.05
N GLU A 41 43.20 -7.88 -15.26
CA GLU A 41 44.31 -6.99 -15.53
C GLU A 41 44.06 -5.63 -14.83
N ILE A 42 42.87 -5.06 -15.08
CA ILE A 42 42.48 -3.74 -14.56
C ILE A 42 42.10 -3.78 -13.08
N LYS A 43 41.42 -4.86 -12.67
CA LYS A 43 40.99 -5.04 -11.30
C LYS A 43 42.14 -4.89 -10.29
N SER A 44 43.28 -5.52 -10.57
CA SER A 44 44.44 -5.52 -9.70
C SER A 44 45.08 -4.14 -9.50
N THR A 45 44.74 -3.17 -10.34
CA THR A 45 45.29 -1.82 -10.16
C THR A 45 44.35 -0.97 -9.33
N LEU A 46 43.15 -1.50 -9.10
CA LEU A 46 42.11 -0.77 -8.36
C LEU A 46 42.18 -0.99 -6.87
N PRO A 47 42.29 0.12 -6.11
CA PRO A 47 42.30 0.13 -4.65
C PRO A 47 41.19 -0.69 -4.01
N PHE A 48 40.00 -0.75 -4.63
CA PHE A 48 38.90 -1.55 -4.08
C PHE A 48 38.38 -2.66 -5.00
N GLY A 49 38.98 -2.80 -6.16
CA GLY A 49 38.66 -3.89 -7.11
C GLY A 49 37.28 -3.91 -7.74
N LYS A 50 36.62 -2.76 -7.79
CA LYS A 50 35.28 -2.71 -8.35
C LYS A 50 35.09 -1.59 -9.33
N ILE A 51 34.20 -1.83 -10.30
CA ILE A 51 33.83 -0.80 -11.27
C ILE A 51 32.34 -0.44 -11.18
N PRO A 52 31.97 0.77 -11.66
CA PRO A 52 32.84 1.76 -12.32
C PRO A 52 33.87 2.50 -11.48
N ILE A 53 34.79 3.14 -12.20
CA ILE A 53 35.77 4.05 -11.63
C ILE A 53 35.80 5.18 -12.62
N LEU A 54 36.20 6.36 -12.17
CA LEU A 54 36.35 7.49 -13.03
C LEU A 54 37.72 8.05 -12.73
N GLU A 55 38.51 8.30 -13.77
CA GLU A 55 39.79 8.95 -13.57
C GLU A 55 39.60 10.40 -14.03
N VAL A 56 39.99 11.33 -13.18
CA VAL A 56 39.90 12.77 -13.44
C VAL A 56 41.30 13.34 -13.30
N ASP A 57 41.90 13.74 -14.42
CA ASP A 57 43.28 14.25 -14.43
C ASP A 57 44.21 13.28 -13.67
N GLY A 58 44.09 11.99 -14.02
CA GLY A 58 44.92 10.93 -13.45
C GLY A 58 44.58 10.41 -12.07
N LEU A 59 43.71 11.12 -11.35
CA LEU A 59 43.28 10.70 -10.01
C LEU A 59 42.05 9.81 -10.20
N THR A 60 42.09 8.64 -9.58
CA THR A 60 41.01 7.67 -9.71
C THR A 60 39.95 7.82 -8.62
N LEU A 61 38.69 7.80 -9.05
CA LEU A 61 37.54 7.89 -8.17
C LEU A 61 36.74 6.62 -8.35
N HIS A 62 36.07 6.19 -7.29
CA HIS A 62 35.28 4.98 -7.31
C HIS A 62 33.91 5.22 -6.65
N GLN A 63 33.05 4.21 -6.67
CA GLN A 63 31.66 4.23 -6.20
C GLN A 63 30.76 5.09 -7.12
N SER A 64 29.88 4.43 -7.87
CA SER A 64 29.03 5.12 -8.87
C SER A 64 28.24 6.32 -8.37
N LEU A 65 27.64 6.19 -7.18
CA LEU A 65 26.79 7.24 -6.58
C LEU A 65 27.65 8.34 -5.97
N ALA A 66 28.81 7.97 -5.41
CA ALA A 66 29.73 8.96 -4.88
C ALA A 66 30.18 9.83 -6.05
N ILE A 67 30.47 9.19 -7.18
CA ILE A 67 30.92 9.87 -8.41
C ILE A 67 29.79 10.75 -9.01
N ALA A 68 28.60 10.18 -9.13
CA ALA A 68 27.43 10.92 -9.61
C ALA A 68 27.17 12.15 -8.75
N ARG A 69 27.24 12.02 -7.43
CA ARG A 69 27.01 13.18 -6.59
C ARG A 69 28.07 14.26 -6.86
N TYR A 70 29.31 13.81 -7.02
CA TYR A 70 30.46 14.64 -7.30
C TYR A 70 30.22 15.47 -8.54
N LEU A 71 29.72 14.83 -9.59
CA LEU A 71 29.47 15.49 -10.87
C LEU A 71 28.33 16.49 -10.86
N THR A 72 27.33 16.27 -10.00
CA THR A 72 26.20 17.19 -9.91
C THR A 72 26.39 18.32 -8.90
N LYS A 73 27.51 18.34 -8.21
CA LYS A 73 27.80 19.37 -7.22
C LYS A 73 27.70 20.76 -7.84
N ASN A 74 26.91 21.61 -7.20
CA ASN A 74 26.73 23.00 -7.62
C ASN A 74 25.99 23.16 -8.96
N THR A 75 25.14 22.19 -9.29
CA THR A 75 24.32 22.28 -10.48
C THR A 75 22.91 22.08 -9.98
N ASP A 76 21.93 22.45 -10.80
CA ASP A 76 20.54 22.25 -10.41
C ASP A 76 20.15 20.78 -10.32
N LEU A 77 20.87 19.89 -11.03
CA LEU A 77 20.62 18.43 -10.96
C LEU A 77 20.74 17.87 -9.57
N ALA A 78 21.52 18.53 -8.72
CA ALA A 78 21.80 18.07 -7.37
C ALA A 78 20.63 18.20 -6.39
N GLY A 79 19.77 19.17 -6.65
CA GLY A 79 18.74 19.50 -5.70
C GLY A 79 19.00 20.97 -5.36
N ASN A 80 17.91 21.72 -5.30
CA ASN A 80 17.94 23.17 -5.12
C ASN A 80 18.35 23.70 -3.73
N THR A 81 18.06 22.94 -2.68
CA THR A 81 18.39 23.33 -1.31
C THR A 81 19.08 22.12 -0.67
N GLU A 82 19.74 22.32 0.48
CA GLU A 82 20.40 21.22 1.15
C GLU A 82 19.37 20.18 1.61
N MET A 83 18.15 20.63 1.89
CA MET A 83 17.08 19.69 2.28
C MET A 83 16.73 18.81 1.06
N GLU A 84 16.58 19.44 -0.10
CA GLU A 84 16.28 18.71 -1.32
C GLU A 84 17.39 17.77 -1.71
N GLN A 85 18.63 18.20 -1.52
CA GLN A 85 19.79 17.37 -1.82
C GLN A 85 19.74 16.09 -0.99
N CYS A 86 19.27 16.21 0.26
CA CYS A 86 19.10 15.10 1.17
C CYS A 86 18.01 14.14 0.68
N HIS A 87 16.88 14.68 0.21
CA HIS A 87 15.78 13.87 -0.33
C HIS A 87 16.25 13.19 -1.63
N VAL A 88 17.00 13.93 -2.46
CA VAL A 88 17.61 13.35 -3.65
C VAL A 88 18.52 12.18 -3.25
N ASP A 89 19.42 12.39 -2.28
CA ASP A 89 20.30 11.30 -1.82
C ASP A 89 19.51 10.12 -1.26
N ALA A 90 18.43 10.41 -0.55
CA ALA A 90 17.63 9.39 0.09
C ALA A 90 16.90 8.53 -0.95
N ILE A 91 16.28 9.17 -1.93
CA ILE A 91 15.58 8.45 -3.02
C ILE A 91 16.57 7.59 -3.80
N VAL A 92 17.76 8.11 -4.04
CA VAL A 92 18.80 7.37 -4.77
C VAL A 92 19.27 6.09 -4.03
N ASP A 93 19.45 6.17 -2.72
CA ASP A 93 19.86 5.00 -1.93
C ASP A 93 18.72 3.99 -1.79
N THR A 94 17.50 4.46 -1.68
CA THR A 94 16.36 3.58 -1.59
C THR A 94 16.26 2.69 -2.84
N LEU A 95 16.38 3.34 -4.00
CA LEU A 95 16.40 2.65 -5.28
C LEU A 95 17.64 1.72 -5.37
N ASP A 96 18.79 2.20 -4.93
CA ASP A 96 20.03 1.41 -5.01
C ASP A 96 19.95 0.20 -4.06
N ASP A 97 19.45 0.42 -2.84
CA ASP A 97 19.26 -0.69 -1.90
C ASP A 97 18.41 -1.77 -2.56
N PHE A 98 17.34 -1.36 -3.26
CA PHE A 98 16.47 -2.34 -3.93
C PHE A 98 17.13 -3.08 -5.08
N MET A 99 17.87 -2.39 -5.94
CA MET A 99 18.54 -3.05 -7.07
C MET A 99 19.60 -4.06 -6.61
N SER A 100 20.22 -3.77 -5.48
CA SER A 100 21.25 -4.64 -4.87
C SER A 100 20.66 -5.94 -4.34
N CYS A 101 19.33 -6.02 -4.26
CA CYS A 101 18.64 -7.21 -3.80
C CYS A 101 18.66 -8.31 -4.87
N PHE A 102 18.83 -7.92 -6.12
CA PHE A 102 18.84 -8.86 -7.23
C PHE A 102 20.15 -9.59 -7.31
N PRO A 103 20.11 -10.93 -7.44
CA PRO A 103 21.32 -11.75 -7.58
C PRO A 103 21.83 -11.69 -9.00
N TRP A 104 22.37 -10.54 -9.39
CA TRP A 104 22.85 -10.34 -10.75
C TRP A 104 23.89 -11.36 -11.19
N ALA A 105 24.69 -11.83 -10.25
CA ALA A 105 25.81 -12.73 -10.55
C ALA A 105 25.51 -14.22 -10.42
N GLU A 106 24.31 -14.56 -9.93
CA GLU A 106 23.92 -15.95 -9.70
C GLU A 106 24.19 -16.82 -10.92
N LYS A 107 24.98 -17.86 -10.69
CA LYS A 107 25.35 -18.79 -11.73
C LYS A 107 24.25 -19.83 -12.01
N LYS A 108 23.43 -20.15 -11.01
CA LYS A 108 22.36 -21.13 -11.18
C LYS A 108 21.12 -20.43 -11.75
N GLN A 109 20.87 -20.67 -13.04
CA GLN A 109 19.78 -20.05 -13.77
C GLN A 109 18.41 -20.19 -13.14
N ASP A 110 18.10 -21.37 -12.58
CA ASP A 110 16.81 -21.57 -11.94
C ASP A 110 16.67 -20.74 -10.66
N VAL A 111 17.72 -20.69 -9.82
CA VAL A 111 17.74 -19.89 -8.59
C VAL A 111 17.58 -18.41 -8.95
N LYS A 112 18.35 -17.97 -9.93
CA LYS A 112 18.28 -16.60 -10.40
C LYS A 112 16.83 -16.25 -10.79
N GLU A 113 16.22 -17.08 -11.66
CA GLU A 113 14.84 -16.87 -12.10
C GLU A 113 13.85 -16.76 -10.94
N GLN A 114 13.89 -17.75 -10.04
CA GLN A 114 13.03 -17.78 -8.86
C GLN A 114 13.24 -16.56 -7.96
N MET A 115 14.50 -16.18 -7.72
CA MET A 115 14.78 -14.99 -6.89
C MET A 115 14.27 -13.72 -7.55
N PHE A 116 14.51 -13.56 -8.84
CA PHE A 116 14.00 -12.42 -9.60
C PHE A 116 12.47 -12.34 -9.49
N ASN A 117 11.82 -13.49 -9.67
CA ASN A 117 10.37 -13.56 -9.62
C ASN A 117 9.81 -13.23 -8.24
N GLU A 118 10.51 -13.65 -7.19
CA GLU A 118 10.11 -13.33 -5.84
C GLU A 118 10.18 -11.81 -5.61
N LEU A 119 11.32 -11.21 -5.95
CA LEU A 119 11.54 -9.78 -5.81
C LEU A 119 10.59 -8.95 -6.63
N LEU A 120 10.29 -9.41 -7.85
CA LEU A 120 9.39 -8.70 -8.75
C LEU A 120 7.92 -8.90 -8.41
N THR A 121 7.60 -9.96 -7.68
CA THR A 121 6.20 -10.27 -7.33
C THR A 121 5.84 -9.61 -6.01
N TYR A 122 6.82 -9.55 -5.11
CA TYR A 122 6.55 -8.98 -3.80
C TYR A 122 7.16 -7.61 -3.58
N ASN A 123 8.48 -7.58 -3.42
CA ASN A 123 9.19 -6.33 -3.12
C ASN A 123 8.99 -5.21 -4.13
N ALA A 124 8.99 -5.55 -5.42
CA ALA A 124 8.89 -4.50 -6.44
C ALA A 124 7.56 -3.76 -6.41
N PRO A 125 6.42 -4.48 -6.47
CA PRO A 125 5.17 -3.71 -6.42
C PRO A 125 5.03 -2.90 -5.15
N HIS A 126 5.65 -3.33 -4.05
CA HIS A 126 5.61 -2.59 -2.78
C HIS A 126 6.39 -1.28 -2.92
N LEU A 127 7.64 -1.39 -3.34
CA LEU A 127 8.49 -0.22 -3.58
C LEU A 127 7.82 0.74 -4.55
N MET A 128 7.17 0.19 -5.59
CA MET A 128 6.47 0.99 -6.59
C MET A 128 5.35 1.83 -5.97
N GLN A 129 4.58 1.26 -5.03
CA GLN A 129 3.50 2.03 -4.38
C GLN A 129 4.05 3.20 -3.54
N ASP A 130 5.18 2.94 -2.88
CA ASP A 130 5.89 3.93 -2.10
C ASP A 130 6.41 5.09 -2.98
N LEU A 131 7.03 4.78 -4.11
CA LEU A 131 7.55 5.80 -5.03
C LEU A 131 6.42 6.60 -5.66
N ASP A 132 5.34 5.90 -6.00
CA ASP A 132 4.21 6.52 -6.66
C ASP A 132 3.54 7.53 -5.73
N THR A 133 3.36 7.11 -4.49
CA THR A 133 2.78 7.95 -3.47
C THR A 133 3.70 9.12 -3.05
N TYR A 134 5.00 8.88 -3.05
CA TYR A 134 5.98 9.91 -2.73
C TYR A 134 6.01 10.97 -3.81
N LEU A 135 5.90 10.55 -5.07
CA LEU A 135 5.88 11.47 -6.20
C LEU A 135 4.58 12.27 -6.23
N GLY A 136 3.45 11.61 -5.93
CA GLY A 136 2.16 12.27 -5.98
C GLY A 136 1.86 12.71 -7.39
N GLY A 137 1.16 13.84 -7.51
CA GLY A 137 0.82 14.39 -8.82
C GLY A 137 1.83 15.48 -9.18
N ARG A 138 2.96 15.50 -8.49
CA ARG A 138 4.03 16.47 -8.77
C ARG A 138 4.79 16.12 -10.05
N GLU A 139 5.58 17.07 -10.55
CA GLU A 139 6.27 16.89 -11.81
C GLU A 139 7.49 15.96 -11.73
N TRP A 140 8.33 16.18 -10.71
CA TRP A 140 9.59 15.43 -10.47
C TRP A 140 9.62 14.90 -9.04
N LEU A 141 10.44 13.88 -8.80
CA LEU A 141 10.54 13.28 -7.47
C LEU A 141 10.77 14.30 -6.34
N ILE A 142 11.72 15.22 -6.54
CA ILE A 142 12.11 16.23 -5.57
C ILE A 142 12.07 17.65 -6.15
N GLY A 143 11.50 18.58 -5.39
CA GLY A 143 11.43 19.99 -5.79
C GLY A 143 10.67 20.14 -7.09
N ASN A 144 10.91 21.24 -7.79
CA ASN A 144 10.17 21.52 -9.03
C ASN A 144 10.93 21.42 -10.37
N SER A 145 12.18 20.95 -10.32
CA SER A 145 12.98 20.71 -11.51
C SER A 145 13.61 19.32 -11.41
N VAL A 146 14.01 18.74 -12.56
CA VAL A 146 14.65 17.41 -12.59
C VAL A 146 15.90 17.31 -11.73
N THR A 147 16.09 16.18 -11.08
CA THR A 147 17.32 15.98 -10.31
C THR A 147 17.87 14.63 -10.76
N TRP A 148 19.10 14.28 -10.36
CA TRP A 148 19.63 12.98 -10.77
C TRP A 148 18.90 11.81 -10.11
N ALA A 149 18.00 12.09 -9.14
CA ALA A 149 17.13 11.04 -8.59
C ALA A 149 16.11 10.59 -9.66
N ASP A 150 15.59 11.56 -10.43
CA ASP A 150 14.67 11.24 -11.54
C ASP A 150 15.40 10.37 -12.56
N PHE A 151 16.65 10.75 -12.84
CA PHE A 151 17.56 10.01 -13.72
C PHE A 151 17.67 8.59 -13.22
N TYR A 152 18.02 8.45 -11.93
CA TYR A 152 18.22 7.12 -11.33
C TYR A 152 16.96 6.29 -11.38
N TRP A 153 15.83 6.96 -11.23
CA TRP A 153 14.56 6.25 -11.29
C TRP A 153 14.35 5.66 -12.69
N GLU A 154 14.57 6.45 -13.72
CA GLU A 154 14.38 5.97 -15.09
C GLU A 154 15.35 4.83 -15.41
N ILE A 155 16.58 4.98 -14.92
CA ILE A 155 17.64 3.98 -15.12
C ILE A 155 17.32 2.69 -14.42
N CYS A 156 16.95 2.75 -13.13
CA CYS A 156 16.63 1.52 -12.38
C CYS A 156 15.40 0.84 -12.97
N SER A 157 14.33 1.62 -13.21
CA SER A 157 13.10 1.05 -13.80
C SER A 157 13.34 0.46 -15.19
N THR A 158 14.15 1.11 -16.02
CA THR A 158 14.42 0.55 -17.34
C THR A 158 14.94 -0.89 -17.23
N THR A 159 15.79 -1.14 -16.25
CA THR A 159 16.34 -2.47 -16.04
C THR A 159 15.34 -3.45 -15.43
N LEU A 160 14.55 -3.00 -14.49
CA LEU A 160 13.51 -3.85 -13.92
C LEU A 160 12.44 -4.23 -14.96
N LEU A 161 12.21 -3.36 -15.94
CA LEU A 161 11.20 -3.61 -16.98
C LEU A 161 11.61 -4.68 -17.98
N VAL A 162 12.91 -4.91 -18.11
CA VAL A 162 13.40 -5.99 -18.96
C VAL A 162 12.90 -7.33 -18.45
N PHE A 163 12.78 -7.44 -17.12
CA PHE A 163 12.39 -8.68 -16.46
C PHE A 163 10.90 -8.82 -16.11
N LYS A 164 10.25 -7.70 -15.84
CA LYS A 164 8.82 -7.69 -15.54
C LYS A 164 8.24 -6.49 -16.29
N PRO A 165 7.95 -6.67 -17.60
CA PRO A 165 7.45 -5.62 -18.48
C PRO A 165 6.17 -4.93 -18.02
N ASP A 166 5.34 -5.61 -17.23
CA ASP A 166 4.09 -5.00 -16.78
C ASP A 166 4.21 -4.35 -15.41
N LEU A 167 5.45 -4.22 -14.94
CA LEU A 167 5.70 -3.67 -13.61
C LEU A 167 5.03 -2.33 -13.36
N LEU A 168 5.00 -1.46 -14.36
CA LEU A 168 4.40 -0.14 -14.17
C LEU A 168 3.01 -0.04 -14.79
N ASP A 169 2.42 -1.17 -15.13
CA ASP A 169 1.11 -1.15 -15.79
C ASP A 169 0.05 -0.50 -14.95
N ASN A 170 0.20 -0.59 -13.63
CA ASN A 170 -0.72 0.05 -12.73
C ASN A 170 -0.15 1.32 -12.12
N HIS A 171 0.95 1.83 -12.68
CA HIS A 171 1.57 3.06 -12.15
C HIS A 171 1.80 4.17 -13.20
N PRO A 172 0.71 4.69 -13.82
CA PRO A 172 0.87 5.69 -14.89
C PRO A 172 1.72 6.90 -14.51
N ARG A 173 1.70 7.28 -13.24
CA ARG A 173 2.47 8.45 -12.84
C ARG A 173 3.98 8.21 -12.92
N LEU A 174 4.40 6.96 -12.72
CA LEU A 174 5.81 6.56 -12.77
C LEU A 174 6.31 6.32 -14.19
N VAL A 175 5.38 5.97 -15.08
CA VAL A 175 5.63 5.79 -16.50
C VAL A 175 5.83 7.20 -17.08
N THR A 176 4.95 8.13 -16.68
CA THR A 176 5.04 9.53 -17.07
C THR A 176 6.38 10.13 -16.66
N LEU A 177 6.84 9.78 -15.47
CA LEU A 177 8.15 10.26 -14.98
C LEU A 177 9.28 9.74 -15.86
N ARG A 178 9.19 8.48 -16.26
CA ARG A 178 10.20 7.90 -17.16
C ARG A 178 10.26 8.64 -18.50
N LYS A 179 9.10 8.91 -19.08
CA LYS A 179 8.99 9.65 -20.34
C LYS A 179 9.49 11.09 -20.25
N LYS A 180 9.24 11.77 -19.14
CA LYS A 180 9.74 13.13 -18.96
C LYS A 180 11.26 13.15 -18.92
N VAL A 181 11.83 12.15 -18.26
CA VAL A 181 13.28 12.06 -18.17
C VAL A 181 13.87 11.72 -19.53
N GLN A 182 13.29 10.72 -20.16
CA GLN A 182 13.77 10.28 -21.50
C GLN A 182 13.68 11.39 -22.54
N ALA A 183 12.72 12.31 -22.37
CA ALA A 183 12.50 13.39 -23.34
C ALA A 183 13.40 14.61 -23.18
N ILE A 184 14.11 14.70 -22.07
CA ILE A 184 15.08 15.78 -21.88
C ILE A 184 16.07 15.59 -23.04
N PRO A 185 16.26 16.65 -23.85
CA PRO A 185 17.05 16.62 -25.10
C PRO A 185 18.39 15.92 -24.97
N ALA A 186 19.17 16.28 -23.96
CA ALA A 186 20.50 15.68 -23.76
C ALA A 186 20.40 14.21 -23.43
N VAL A 187 19.36 13.84 -22.68
CA VAL A 187 19.12 12.43 -22.31
C VAL A 187 18.58 11.65 -23.52
N ALA A 188 17.63 12.25 -24.24
CA ALA A 188 17.05 11.63 -25.44
C ALA A 188 18.16 11.34 -26.46
N ASN A 189 19.07 12.29 -26.63
CA ASN A 189 20.24 12.16 -27.52
C ASN A 189 21.08 10.95 -27.08
N TRP A 190 21.50 10.96 -25.81
CA TRP A 190 22.29 9.87 -25.24
C TRP A 190 21.64 8.50 -25.44
N ILE A 191 20.36 8.38 -25.10
CA ILE A 191 19.64 7.10 -25.23
C ILE A 191 19.69 6.53 -26.66
N LYS A 192 19.82 7.42 -27.65
CA LYS A 192 19.84 7.02 -29.06
C LYS A 192 21.25 6.61 -29.54
N ARG A 193 22.29 7.29 -29.01
CA ARG A 193 23.69 7.03 -29.36
C ARG A 193 24.37 5.88 -28.64
N ARG A 194 24.02 5.68 -27.37
CA ARG A 194 24.63 4.65 -26.53
C ARG A 194 24.56 3.25 -27.13
N PRO A 195 25.55 2.40 -26.81
CA PRO A 195 25.48 1.02 -27.25
C PRO A 195 24.25 0.30 -26.70
N GLN A 196 23.68 -0.59 -27.51
CA GLN A 196 22.54 -1.35 -27.09
C GLN A 196 23.08 -2.60 -26.42
N THR A 197 22.63 -2.82 -25.20
CA THR A 197 23.03 -3.94 -24.38
C THR A 197 21.80 -4.28 -23.60
N LYS A 198 21.69 -5.51 -23.16
CA LYS A 198 20.52 -5.90 -22.38
C LYS A 198 20.45 -5.22 -21.01
N LEU A 199 21.59 -5.11 -20.34
CA LEU A 199 21.62 -4.53 -18.99
C LEU A 199 22.41 -3.23 -18.91
N PRO B 2 15.59 24.81 15.12
CA PRO B 2 15.58 23.45 14.54
C PRO B 2 15.37 22.36 15.59
N ASN B 3 14.21 21.70 15.59
CA ASN B 3 14.01 20.59 16.51
C ASN B 3 14.38 19.31 15.76
N TYR B 4 15.12 18.42 16.41
CA TYR B 4 15.54 17.17 15.79
C TYR B 4 15.10 15.99 16.60
N LYS B 5 14.40 15.06 15.97
CA LYS B 5 13.97 13.84 16.62
C LYS B 5 14.40 12.61 15.78
N LEU B 6 15.34 11.85 16.31
CA LEU B 6 15.81 10.66 15.65
C LEU B 6 15.06 9.42 16.11
N THR B 7 14.51 8.65 15.17
CA THR B 7 13.82 7.40 15.52
C THR B 7 14.55 6.20 14.93
N TYR B 8 14.80 5.23 15.80
CA TYR B 8 15.46 4.02 15.39
C TYR B 8 15.24 3.01 16.51
N PHE B 9 15.71 1.78 16.34
CA PHE B 9 15.62 0.80 17.41
C PHE B 9 16.60 1.17 18.53
N ASN B 10 16.52 0.46 19.65
CA ASN B 10 17.47 0.67 20.75
C ASN B 10 18.76 -0.07 20.40
N MET B 11 19.53 0.52 19.50
CA MET B 11 20.83 -0.01 19.10
C MET B 11 21.62 1.01 18.30
N ARG B 12 22.91 0.75 18.13
CA ARG B 12 23.75 1.65 17.36
C ARG B 12 23.24 1.52 15.93
N GLY B 13 23.39 0.32 15.36
CA GLY B 13 22.92 0.03 14.01
C GLY B 13 23.20 1.14 13.01
N ARG B 14 22.20 1.41 12.17
CA ARG B 14 22.30 2.44 11.14
C ARG B 14 22.08 3.87 11.64
N ALA B 15 21.67 4.02 12.90
CA ALA B 15 21.45 5.36 13.44
C ALA B 15 22.70 6.00 14.02
N GLU B 16 23.67 5.16 14.40
CA GLU B 16 24.87 5.59 15.09
C GLU B 16 25.66 6.72 14.41
N ILE B 17 25.77 6.70 13.08
CA ILE B 17 26.52 7.74 12.31
C ILE B 17 25.88 9.12 12.53
N ILE B 18 24.55 9.16 12.53
CA ILE B 18 23.80 10.37 12.80
C ILE B 18 24.11 10.81 14.26
N ARG B 19 24.08 9.86 15.20
CA ARG B 19 24.38 10.18 16.60
C ARG B 19 25.78 10.77 16.83
N TYR B 20 26.81 10.22 16.17
CA TYR B 20 28.19 10.76 16.26
C TYR B 20 28.27 12.19 15.72
N ILE B 21 27.59 12.44 14.60
CA ILE B 21 27.56 13.78 13.99
C ILE B 21 26.83 14.79 14.88
N PHE B 22 25.70 14.41 15.48
CA PHE B 22 24.98 15.30 16.39
C PHE B 22 25.89 15.66 17.57
N ALA B 23 26.63 14.68 18.08
CA ALA B 23 27.57 14.88 19.20
C ALA B 23 28.74 15.77 18.83
N TYR B 24 29.41 15.44 17.74
CA TYR B 24 30.57 16.21 17.29
C TYR B 24 30.23 17.70 17.08
N LEU B 25 29.08 17.97 16.46
CA LEU B 25 28.64 19.34 16.19
C LEU B 25 27.85 19.97 17.34
N ASP B 26 27.83 19.29 18.49
CA ASP B 26 27.15 19.78 19.70
C ASP B 26 25.71 20.24 19.40
N ILE B 27 24.95 19.37 18.72
CA ILE B 27 23.54 19.58 18.40
C ILE B 27 22.69 18.69 19.27
N GLN B 28 21.62 19.26 19.80
CA GLN B 28 20.73 18.57 20.70
C GLN B 28 19.60 17.95 19.90
N TYR B 29 19.19 16.75 20.30
CA TYR B 29 18.12 16.07 19.60
C TYR B 29 17.47 15.08 20.54
N GLU B 30 16.27 14.65 20.20
CA GLU B 30 15.61 13.61 20.96
C GLU B 30 16.10 12.33 20.31
N ASP B 31 16.68 11.45 21.11
CA ASP B 31 17.17 10.18 20.61
C ASP B 31 16.09 9.14 20.84
N HIS B 32 15.09 9.10 19.97
CA HIS B 32 13.97 8.17 20.16
C HIS B 32 14.30 6.73 19.78
N ARG B 33 14.23 5.84 20.77
CA ARG B 33 14.49 4.42 20.58
C ARG B 33 13.20 3.64 20.83
N ILE B 34 12.83 2.82 19.85
CA ILE B 34 11.59 2.08 19.91
C ILE B 34 11.80 0.60 20.14
N GLU B 35 10.77 -0.05 20.65
CA GLU B 35 10.76 -1.51 20.84
C GLU B 35 10.23 -2.12 19.57
N GLN B 36 10.62 -3.37 19.32
CA GLN B 36 10.16 -4.11 18.14
C GLN B 36 8.65 -4.17 17.98
N ALA B 37 7.91 -4.22 19.10
CA ALA B 37 6.46 -4.33 19.03
C ALA B 37 5.74 -3.02 18.68
N ASP B 38 6.46 -1.90 18.78
CA ASP B 38 5.88 -0.60 18.42
C ASP B 38 6.25 -0.23 16.99
N TRP B 39 7.13 -1.03 16.39
CA TRP B 39 7.63 -0.78 15.03
C TRP B 39 6.53 -0.83 13.95
N PRO B 40 5.86 -1.99 13.77
CA PRO B 40 4.78 -2.06 12.77
C PRO B 40 3.83 -0.84 12.69
N GLU B 41 3.44 -0.25 13.82
CA GLU B 41 2.57 0.91 13.77
C GLU B 41 3.23 2.14 13.21
N ILE B 42 4.53 2.30 13.46
CA ILE B 42 5.24 3.49 12.95
C ILE B 42 5.59 3.26 11.47
N LYS B 43 6.07 2.06 11.15
CA LYS B 43 6.44 1.64 9.80
C LYS B 43 5.34 1.93 8.78
N SER B 44 4.11 1.53 9.12
CA SER B 44 2.89 1.75 8.31
C SER B 44 2.63 3.22 8.00
N THR B 45 3.11 4.13 8.85
CA THR B 45 2.89 5.57 8.65
C THR B 45 3.97 6.25 7.81
N LEU B 46 5.02 5.51 7.47
CA LEU B 46 6.18 6.09 6.77
C LEU B 46 6.14 6.00 5.25
N PRO B 47 6.74 7.00 4.57
CA PRO B 47 6.78 6.99 3.10
C PRO B 47 7.52 5.78 2.51
N PHE B 48 8.58 5.33 3.19
CA PHE B 48 9.42 4.22 2.73
C PHE B 48 9.60 3.05 3.69
N GLY B 49 8.88 3.10 4.81
CA GLY B 49 8.81 2.01 5.81
C GLY B 49 10.09 1.53 6.43
N LYS B 50 11.06 2.43 6.56
CA LYS B 50 12.33 2.07 7.17
C LYS B 50 12.93 3.12 8.08
N ILE B 51 13.72 2.62 9.01
CA ILE B 51 14.45 3.44 9.97
C ILE B 51 15.96 3.21 9.80
N PRO B 52 16.79 4.19 10.20
CA PRO B 52 16.38 5.43 10.87
C PRO B 52 15.69 6.46 10.02
N ILE B 53 14.99 7.35 10.73
CA ILE B 53 14.35 8.53 10.16
C ILE B 53 14.70 9.62 11.16
N LEU B 54 14.76 10.84 10.63
CA LEU B 54 15.06 12.04 11.38
C LEU B 54 14.01 13.07 11.04
N GLU B 55 13.29 13.52 12.06
CA GLU B 55 12.31 14.56 11.86
C GLU B 55 12.91 15.90 12.24
N VAL B 56 12.79 16.86 11.32
CA VAL B 56 13.26 18.21 11.48
C VAL B 56 12.06 19.08 11.11
N ASP B 57 11.66 19.99 11.99
CA ASP B 57 10.55 20.93 11.73
C ASP B 57 9.26 20.31 11.17
N GLY B 58 9.04 19.01 11.34
CA GLY B 58 7.81 18.42 10.82
C GLY B 58 7.91 17.73 9.47
N LEU B 59 9.14 17.40 9.09
CA LEU B 59 9.38 16.68 7.86
C LEU B 59 10.27 15.47 8.17
N THR B 60 9.87 14.30 7.70
CA THR B 60 10.57 13.05 7.96
C THR B 60 11.60 12.68 6.90
N LEU B 61 12.87 12.88 7.22
CA LEU B 61 13.96 12.51 6.32
C LEU B 61 14.23 11.03 6.53
N HIS B 62 14.84 10.38 5.56
CA HIS B 62 15.13 8.97 5.69
C HIS B 62 16.49 8.66 5.00
N GLN B 63 16.96 7.42 5.14
CA GLN B 63 18.29 6.97 4.66
C GLN B 63 19.39 7.54 5.53
N SER B 64 20.01 6.67 6.33
CA SER B 64 21.03 7.08 7.27
C SER B 64 22.18 7.89 6.69
N LEU B 65 22.65 7.52 5.51
CA LEU B 65 23.78 8.21 4.92
C LEU B 65 23.34 9.52 4.30
N ALA B 66 22.13 9.53 3.70
CA ALA B 66 21.54 10.75 3.14
C ALA B 66 21.48 11.79 4.26
N ILE B 67 20.95 11.38 5.40
CA ILE B 67 20.85 12.24 6.58
C ILE B 67 22.24 12.66 7.10
N ALA B 68 23.14 11.69 7.29
CA ALA B 68 24.53 11.99 7.72
C ALA B 68 25.22 13.03 6.83
N ARG B 69 25.04 12.85 5.52
CA ARG B 69 25.62 13.77 4.56
C ARG B 69 25.02 15.18 4.70
N TYR B 70 23.70 15.25 4.92
CA TYR B 70 22.99 16.53 5.10
C TYR B 70 23.46 17.28 6.37
N LEU B 71 23.60 16.59 7.49
CA LEU B 71 24.06 17.23 8.72
C LEU B 71 25.51 17.74 8.66
N THR B 72 26.32 17.13 7.78
CA THR B 72 27.74 17.45 7.67
C THR B 72 28.07 18.44 6.55
N LYS B 73 27.06 18.81 5.75
CA LYS B 73 27.21 19.80 4.68
C LYS B 73 27.71 21.09 5.31
N ASN B 74 28.67 21.76 4.68
CA ASN B 74 29.22 23.03 5.20
C ASN B 74 29.78 22.90 6.63
N THR B 75 30.21 21.71 7.01
CA THR B 75 30.84 21.57 8.33
C THR B 75 32.22 21.01 8.07
N ASP B 76 33.09 21.03 9.08
CA ASP B 76 34.44 20.48 9.00
C ASP B 76 34.51 18.95 8.93
N LEU B 77 33.39 18.27 9.11
CA LEU B 77 33.33 16.82 8.94
C LEU B 77 33.16 16.42 7.46
N ALA B 78 32.85 17.40 6.62
CA ALA B 78 32.72 17.15 5.18
C ALA B 78 34.14 17.19 4.63
N GLY B 79 34.38 16.62 3.46
CA GLY B 79 35.70 16.72 2.85
C GLY B 79 36.07 18.19 2.64
N ASN B 80 37.38 18.45 2.53
CA ASN B 80 37.92 19.82 2.37
C ASN B 80 37.95 20.33 0.93
N THR B 81 37.86 19.42 -0.05
CA THR B 81 37.77 19.77 -1.47
C THR B 81 36.54 19.03 -2.07
N GLU B 82 36.15 19.35 -3.30
CA GLU B 82 35.04 18.64 -3.92
C GLU B 82 35.47 17.19 -4.13
N MET B 83 36.72 16.98 -4.54
CA MET B 83 37.24 15.64 -4.75
C MET B 83 37.29 14.86 -3.45
N GLU B 84 37.80 15.48 -2.38
CA GLU B 84 37.77 14.86 -1.04
C GLU B 84 36.35 14.47 -0.62
N GLN B 85 35.35 15.31 -0.94
CA GLN B 85 33.98 14.99 -0.59
C GLN B 85 33.56 13.72 -1.36
N CYS B 86 34.16 13.50 -2.51
CA CYS B 86 33.83 12.32 -3.31
C CYS B 86 34.45 11.10 -2.64
N HIS B 87 35.68 11.23 -2.16
CA HIS B 87 36.35 10.12 -1.49
C HIS B 87 35.65 9.77 -0.17
N VAL B 88 35.13 10.79 0.54
CA VAL B 88 34.40 10.57 1.78
C VAL B 88 33.21 9.68 1.41
N ASP B 89 32.43 10.10 0.40
CA ASP B 89 31.27 9.35 -0.06
C ASP B 89 31.57 7.92 -0.50
N ALA B 90 32.64 7.79 -1.29
CA ALA B 90 33.10 6.50 -1.79
C ALA B 90 33.47 5.52 -0.67
N ILE B 91 34.22 5.98 0.31
CA ILE B 91 34.59 5.14 1.47
C ILE B 91 33.35 4.75 2.29
N VAL B 92 32.44 5.69 2.49
CA VAL B 92 31.20 5.39 3.21
C VAL B 92 30.39 4.32 2.49
N ASP B 93 30.25 4.45 1.16
CA ASP B 93 29.51 3.43 0.37
C ASP B 93 30.18 2.04 0.32
N THR B 94 31.52 2.01 0.33
CA THR B 94 32.27 0.77 0.35
C THR B 94 31.96 0.06 1.67
N LEU B 95 32.11 0.78 2.78
CA LEU B 95 31.80 0.25 4.10
C LEU B 95 30.35 -0.19 4.15
N ASP B 96 29.46 0.66 3.64
CA ASP B 96 28.03 0.37 3.66
C ASP B 96 27.64 -0.84 2.81
N ASP B 97 28.26 -1.01 1.64
CA ASP B 97 27.98 -2.16 0.76
C ASP B 97 28.31 -3.46 1.51
N PHE B 98 29.36 -3.43 2.32
CA PHE B 98 29.72 -4.63 3.06
C PHE B 98 28.76 -4.89 4.21
N MET B 99 28.47 -3.85 5.01
CA MET B 99 27.56 -4.04 6.15
C MET B 99 26.13 -4.45 5.71
N SER B 100 25.74 -4.01 4.51
CA SER B 100 24.40 -4.33 3.98
C SER B 100 24.23 -5.79 3.60
N CYS B 101 25.33 -6.49 3.37
CA CYS B 101 25.32 -7.90 3.02
C CYS B 101 24.86 -8.79 4.17
N PHE B 102 24.92 -8.27 5.39
CA PHE B 102 24.57 -9.06 6.56
C PHE B 102 23.06 -9.23 6.72
N PRO B 103 22.62 -10.49 6.95
CA PRO B 103 21.18 -10.72 7.12
C PRO B 103 20.78 -10.40 8.55
N TRP B 104 20.77 -9.11 8.88
CA TRP B 104 20.48 -8.61 10.25
C TRP B 104 19.11 -9.05 10.78
N ALA B 105 18.14 -9.13 9.86
CA ALA B 105 16.77 -9.53 10.15
C ALA B 105 16.44 -10.89 9.55
N GLU B 106 17.29 -11.87 9.86
CA GLU B 106 17.06 -13.26 9.46
C GLU B 106 16.45 -13.97 10.66
N LYS B 107 15.30 -14.60 10.43
CA LYS B 107 14.53 -15.30 11.48
C LYS B 107 15.14 -16.66 11.82
N LYS B 108 15.53 -17.39 10.77
CA LYS B 108 16.16 -18.70 10.87
C LYS B 108 17.59 -18.49 11.39
N GLN B 109 17.80 -18.79 12.67
CA GLN B 109 19.09 -18.57 13.31
C GLN B 109 20.29 -19.30 12.70
N ASP B 110 20.08 -20.52 12.19
CA ASP B 110 21.18 -21.32 11.61
C ASP B 110 21.70 -20.70 10.31
N VAL B 111 20.78 -20.37 9.42
CA VAL B 111 21.03 -19.68 8.15
C VAL B 111 21.75 -18.35 8.39
N LYS B 112 21.30 -17.64 9.44
CA LYS B 112 21.86 -16.33 9.83
C LYS B 112 23.30 -16.48 10.29
N GLU B 113 23.54 -17.40 11.24
CA GLU B 113 24.89 -17.69 11.75
C GLU B 113 25.84 -18.07 10.64
N GLN B 114 25.37 -18.90 9.73
CA GLN B 114 26.15 -19.37 8.59
C GLN B 114 26.55 -18.23 7.65
N MET B 115 25.58 -17.38 7.27
CA MET B 115 25.83 -16.22 6.40
C MET B 115 26.79 -15.24 7.08
N PHE B 116 26.58 -15.04 8.38
CA PHE B 116 27.48 -14.22 9.17
C PHE B 116 28.92 -14.77 9.17
N ASN B 117 29.07 -16.07 9.43
CA ASN B 117 30.40 -16.70 9.46
C ASN B 117 31.12 -16.51 8.13
N GLU B 118 30.42 -16.84 7.04
CA GLU B 118 30.91 -16.69 5.67
C GLU B 118 31.44 -15.29 5.39
N LEU B 119 30.61 -14.27 5.59
CA LEU B 119 30.99 -12.88 5.31
C LEU B 119 32.17 -12.38 6.16
N LEU B 120 32.09 -12.63 7.46
CA LEU B 120 33.17 -12.28 8.40
C LEU B 120 34.48 -13.01 8.10
N THR B 121 34.37 -14.28 7.74
CA THR B 121 35.54 -15.10 7.51
C THR B 121 36.13 -14.98 6.11
N TYR B 122 35.28 -14.87 5.10
CA TYR B 122 35.76 -14.86 3.72
C TYR B 122 35.89 -13.49 3.07
N ASN B 123 35.03 -12.55 3.44
CA ASN B 123 34.99 -11.23 2.81
C ASN B 123 35.60 -10.10 3.64
N ALA B 124 35.24 -10.02 4.91
CA ALA B 124 35.76 -8.96 5.79
C ALA B 124 37.27 -8.73 5.74
N PRO B 125 38.09 -9.81 5.80
CA PRO B 125 39.56 -9.66 5.70
C PRO B 125 40.05 -8.90 4.47
N HIS B 126 39.40 -9.12 3.34
CA HIS B 126 39.78 -8.44 2.10
C HIS B 126 39.48 -6.94 2.13
N LEU B 127 38.37 -6.57 2.78
CA LEU B 127 37.97 -5.18 2.93
C LEU B 127 39.00 -4.46 3.77
N MET B 128 39.40 -5.15 4.86
CA MET B 128 40.40 -4.59 5.78
C MET B 128 41.72 -4.39 5.07
N GLN B 129 42.01 -5.22 4.07
CA GLN B 129 43.25 -5.08 3.30
C GLN B 129 43.16 -3.85 2.38
N ASP B 130 42.02 -3.72 1.69
CA ASP B 130 41.76 -2.59 0.82
C ASP B 130 41.83 -1.26 1.59
N LEU B 131 41.17 -1.21 2.75
CA LEU B 131 41.19 -0.03 3.62
C LEU B 131 42.56 0.30 4.21
N ASP B 132 43.31 -0.73 4.62
CA ASP B 132 44.64 -0.55 5.18
C ASP B 132 45.57 0.05 4.11
N THR B 133 45.60 -0.55 2.93
CA THR B 133 46.41 -0.01 1.83
C THR B 133 45.99 1.43 1.50
N TYR B 134 44.68 1.66 1.41
CA TYR B 134 44.15 2.98 1.07
C TYR B 134 44.56 4.03 2.10
N LEU B 135 44.47 3.68 3.37
CA LEU B 135 44.87 4.61 4.42
C LEU B 135 46.38 4.85 4.30
N GLY B 136 47.14 3.78 4.11
CA GLY B 136 48.59 3.91 4.02
C GLY B 136 49.16 4.51 5.30
N GLY B 137 49.97 5.55 5.17
CA GLY B 137 50.58 6.17 6.34
C GLY B 137 49.93 7.48 6.71
N ARG B 138 48.77 7.74 6.11
CA ARG B 138 48.08 8.98 6.36
C ARG B 138 47.36 8.95 7.74
N GLU B 139 47.04 10.13 8.26
CA GLU B 139 46.44 10.28 9.59
C GLU B 139 44.93 9.99 9.62
N TRP B 140 44.23 10.29 8.53
CA TRP B 140 42.80 10.05 8.42
C TRP B 140 42.50 9.47 7.04
N LEU B 141 41.37 8.78 6.90
CA LEU B 141 40.99 8.18 5.61
C LEU B 141 41.00 9.18 4.47
N ILE B 142 40.48 10.39 4.69
CA ILE B 142 40.44 11.42 3.66
C ILE B 142 41.11 12.72 4.12
N GLY B 143 42.14 13.15 3.41
CA GLY B 143 42.81 14.41 3.75
C GLY B 143 43.59 14.47 5.04
N ASN B 144 43.66 15.70 5.56
CA ASN B 144 44.44 16.06 6.76
C ASN B 144 43.64 16.21 8.03
N SER B 145 42.32 16.19 7.91
CA SER B 145 41.44 16.28 9.07
C SER B 145 40.33 15.21 9.04
N VAL B 146 39.71 15.01 10.21
CA VAL B 146 38.68 14.01 10.38
C VAL B 146 37.44 14.31 9.51
N THR B 147 36.88 13.26 8.92
CA THR B 147 35.64 13.40 8.17
C THR B 147 34.66 12.37 8.76
N TRP B 148 33.39 12.45 8.35
CA TRP B 148 32.39 11.49 8.82
C TRP B 148 32.67 10.08 8.26
N ALA B 149 33.58 9.98 7.29
CA ALA B 149 34.04 8.67 6.77
C ALA B 149 34.82 7.97 7.88
N ASP B 150 35.61 8.73 8.63
CA ASP B 150 36.39 8.21 9.78
C ASP B 150 35.41 7.69 10.84
N PHE B 151 34.36 8.47 11.16
CA PHE B 151 33.31 8.01 12.08
C PHE B 151 32.70 6.71 11.60
N TYR B 152 32.29 6.65 10.32
CA TYR B 152 31.65 5.45 9.79
C TYR B 152 32.58 4.22 9.87
N TRP B 153 33.88 4.41 9.60
CA TRP B 153 34.85 3.33 9.72
C TRP B 153 34.82 2.74 11.12
N GLU B 154 34.98 3.62 12.11
CA GLU B 154 34.96 3.27 13.53
C GLU B 154 33.65 2.57 13.91
N ILE B 155 32.53 3.03 13.36
CA ILE B 155 31.23 2.45 13.70
C ILE B 155 31.07 1.05 13.09
N CYS B 156 31.44 0.91 11.82
CA CYS B 156 31.34 -0.38 11.15
C CYS B 156 32.30 -1.39 11.78
N SER B 157 33.55 -0.97 11.99
CA SER B 157 34.58 -1.83 12.57
C SER B 157 34.16 -2.22 13.98
N THR B 158 33.58 -1.29 14.75
CA THR B 158 33.12 -1.64 16.09
C THR B 158 32.13 -2.85 16.05
N THR B 159 31.16 -2.84 15.15
CA THR B 159 30.21 -3.97 15.10
C THR B 159 30.81 -5.24 14.51
N LEU B 160 31.71 -5.12 13.54
CA LEU B 160 32.37 -6.31 12.99
C LEU B 160 33.21 -7.01 14.06
N LEU B 161 33.85 -6.21 14.92
CA LEU B 161 34.68 -6.73 16.03
C LEU B 161 33.88 -7.47 17.14
N VAL B 162 32.58 -7.23 17.21
CA VAL B 162 31.73 -7.98 18.15
C VAL B 162 31.70 -9.44 17.71
N PHE B 163 31.63 -9.66 16.40
CA PHE B 163 31.56 -11.02 15.86
C PHE B 163 32.91 -11.68 15.56
N LYS B 164 33.89 -10.88 15.16
CA LYS B 164 35.22 -11.35 14.78
C LYS B 164 36.32 -10.50 15.47
N PRO B 165 36.51 -10.68 16.79
CA PRO B 165 37.49 -9.88 17.54
C PRO B 165 38.92 -9.79 17.00
N ASP B 166 39.33 -10.77 16.20
CA ASP B 166 40.70 -10.83 15.65
C ASP B 166 40.84 -10.16 14.30
N LEU B 167 39.76 -9.56 13.84
CA LEU B 167 39.67 -8.95 12.51
C LEU B 167 40.80 -8.00 12.15
N LEU B 168 41.24 -7.23 13.13
CA LEU B 168 42.28 -6.21 12.94
C LEU B 168 43.65 -6.56 13.56
N ASP B 169 43.88 -7.82 13.90
CA ASP B 169 45.19 -8.22 14.48
C ASP B 169 46.37 -7.90 13.56
N ASN B 170 46.12 -7.96 12.26
CA ASN B 170 47.18 -7.71 11.29
C ASN B 170 47.07 -6.28 10.71
N HIS B 171 46.27 -5.44 11.36
CA HIS B 171 46.00 -4.09 10.90
C HIS B 171 46.16 -2.95 11.94
N PRO B 172 47.36 -2.85 12.56
CA PRO B 172 47.58 -1.82 13.58
C PRO B 172 47.26 -0.36 13.20
N ARG B 173 47.46 0.02 11.94
CA ARG B 173 47.18 1.40 11.49
C ARG B 173 45.69 1.67 11.52
N LEU B 174 44.90 0.63 11.27
CA LEU B 174 43.43 0.70 11.32
C LEU B 174 42.93 0.73 12.76
N VAL B 175 43.64 0.06 13.68
CA VAL B 175 43.25 0.16 15.10
C VAL B 175 43.63 1.52 15.66
N THR B 176 44.74 2.06 15.18
CA THR B 176 45.18 3.41 15.55
C THR B 176 44.14 4.44 15.08
N LEU B 177 43.58 4.23 13.89
CA LEU B 177 42.55 5.14 13.36
C LEU B 177 41.28 5.05 14.24
N ARG B 178 40.83 3.83 14.53
CA ARG B 178 39.69 3.63 15.42
C ARG B 178 39.92 4.36 16.72
N LYS B 179 41.09 4.15 17.34
CA LYS B 179 41.44 4.80 18.62
C LYS B 179 41.46 6.32 18.52
N LYS B 180 41.91 6.84 17.36
CA LYS B 180 41.94 8.28 17.07
C LYS B 180 40.51 8.88 17.05
N VAL B 181 39.60 8.18 16.40
CA VAL B 181 38.21 8.63 16.34
C VAL B 181 37.61 8.61 17.74
N GLN B 182 37.88 7.53 18.46
CA GLN B 182 37.39 7.36 19.81
C GLN B 182 37.90 8.44 20.77
N ALA B 183 39.07 9.00 20.47
CA ALA B 183 39.70 10.04 21.32
C ALA B 183 39.18 11.47 21.12
N ILE B 184 38.45 11.72 20.02
CA ILE B 184 37.86 13.04 19.78
C ILE B 184 36.92 13.33 20.94
N PRO B 185 37.13 14.46 21.66
CA PRO B 185 36.33 14.70 22.87
C PRO B 185 34.82 14.43 22.73
N ALA B 186 34.15 15.06 21.75
CA ALA B 186 32.71 14.84 21.56
C ALA B 186 32.35 13.36 21.34
N VAL B 187 33.20 12.67 20.57
CA VAL B 187 33.00 11.25 20.29
C VAL B 187 33.23 10.45 21.57
N ALA B 188 34.34 10.74 22.26
CA ALA B 188 34.67 10.10 23.54
C ALA B 188 33.52 10.22 24.56
N ASN B 189 32.96 11.42 24.68
CA ASN B 189 31.84 11.70 25.59
C ASN B 189 30.63 10.85 25.23
N TRP B 190 30.26 10.85 23.94
CA TRP B 190 29.12 10.08 23.46
C TRP B 190 29.32 8.56 23.67
N ILE B 191 30.52 8.08 23.35
CA ILE B 191 30.84 6.68 23.56
C ILE B 191 30.70 6.26 25.04
N LYS B 192 31.03 7.16 25.96
CA LYS B 192 30.93 6.83 27.37
C LYS B 192 29.51 6.89 27.87
N ARG B 193 28.75 7.81 27.28
CA ARG B 193 27.38 8.12 27.67
C ARG B 193 26.28 7.27 27.08
N ARG B 194 26.44 6.89 25.81
CA ARG B 194 25.43 6.18 25.02
C ARG B 194 24.92 4.89 25.68
N PRO B 195 23.66 4.47 25.37
CA PRO B 195 23.19 3.16 25.87
C PRO B 195 24.08 2.05 25.32
N GLN B 196 24.51 1.14 26.19
CA GLN B 196 25.39 0.06 25.80
C GLN B 196 24.54 -1.11 25.35
N THR B 197 24.55 -1.35 24.04
CA THR B 197 23.80 -2.43 23.41
C THR B 197 24.81 -3.26 22.61
N LYS B 198 24.40 -4.45 22.16
CA LYS B 198 25.31 -5.29 21.39
C LYS B 198 25.60 -4.73 20.00
N LEU B 199 24.51 -4.44 19.27
CA LEU B 199 24.59 -3.97 17.90
C LEU B 199 24.28 -2.47 17.77
N PRO C 2 -17.83 -28.82 -4.91
CA PRO C 2 -18.82 -28.43 -5.92
C PRO C 2 -18.18 -27.77 -7.14
N ASN C 3 -18.77 -28.00 -8.32
CA ASN C 3 -18.29 -27.37 -9.55
C ASN C 3 -18.88 -25.98 -9.71
N TYR C 4 -17.99 -25.01 -9.87
CA TYR C 4 -18.36 -23.60 -9.93
C TYR C 4 -18.18 -22.97 -11.27
N LYS C 5 -19.15 -22.13 -11.63
CA LYS C 5 -19.08 -21.35 -12.87
C LYS C 5 -19.43 -19.92 -12.53
N LEU C 6 -18.46 -19.03 -12.73
CA LEU C 6 -18.65 -17.61 -12.48
C LEU C 6 -18.82 -16.86 -13.79
N THR C 7 -19.89 -16.08 -13.91
CA THR C 7 -20.16 -15.31 -15.12
C THR C 7 -20.10 -13.80 -14.87
N TYR C 8 -19.26 -13.11 -15.65
CA TYR C 8 -19.14 -11.65 -15.63
C TYR C 8 -18.51 -11.19 -16.95
N PHE C 9 -18.37 -9.88 -17.12
CA PHE C 9 -17.63 -9.31 -18.26
C PHE C 9 -16.16 -9.59 -18.03
N ASN C 10 -15.35 -9.28 -19.04
CA ASN C 10 -13.92 -9.37 -18.90
C ASN C 10 -13.45 -8.12 -18.19
N MET C 11 -13.70 -8.09 -16.88
CA MET C 11 -13.27 -7.00 -16.01
C MET C 11 -13.30 -7.44 -14.55
N ARG C 12 -12.61 -6.73 -13.69
CA ARG C 12 -12.61 -7.09 -12.28
C ARG C 12 -14.03 -6.83 -11.75
N GLY C 13 -14.42 -5.56 -11.78
CA GLY C 13 -15.75 -5.13 -11.35
C GLY C 13 -16.27 -5.80 -10.09
N ARG C 14 -17.50 -6.31 -10.20
CA ARG C 14 -18.21 -6.91 -9.09
C ARG C 14 -17.97 -8.41 -8.97
N ALA C 15 -17.19 -8.96 -9.90
CA ALA C 15 -16.87 -10.37 -9.81
C ALA C 15 -15.61 -10.59 -8.98
N GLU C 16 -14.73 -9.59 -8.99
CA GLU C 16 -13.41 -9.75 -8.41
C GLU C 16 -13.33 -10.26 -6.97
N ILE C 17 -14.24 -9.81 -6.09
CA ILE C 17 -14.22 -10.26 -4.69
C ILE C 17 -14.44 -11.77 -4.61
N ILE C 18 -15.33 -12.30 -5.44
CA ILE C 18 -15.58 -13.74 -5.49
C ILE C 18 -14.29 -14.44 -6.02
N ARG C 19 -13.64 -13.82 -7.00
CA ARG C 19 -12.39 -14.36 -7.58
C ARG C 19 -11.27 -14.42 -6.55
N TYR C 20 -11.08 -13.35 -5.79
CA TYR C 20 -10.10 -13.35 -4.71
C TYR C 20 -10.43 -14.49 -3.73
N ILE C 21 -11.72 -14.61 -3.37
CA ILE C 21 -12.16 -15.64 -2.43
C ILE C 21 -11.77 -17.04 -2.92
N PHE C 22 -12.14 -17.36 -4.16
CA PHE C 22 -11.78 -18.65 -4.73
C PHE C 22 -10.26 -18.88 -4.70
N ALA C 23 -9.46 -17.85 -5.01
CA ALA C 23 -8.00 -17.97 -5.04
C ALA C 23 -7.38 -18.26 -3.66
N TYR C 24 -7.86 -17.54 -2.64
CA TYR C 24 -7.35 -17.72 -1.27
C TYR C 24 -7.72 -19.10 -0.71
N LEU C 25 -8.94 -19.53 -1.00
CA LEU C 25 -9.44 -20.83 -0.54
C LEU C 25 -9.05 -21.97 -1.46
N ASP C 26 -8.32 -21.63 -2.53
CA ASP C 26 -7.81 -22.60 -3.50
C ASP C 26 -8.96 -23.47 -4.03
N ILE C 27 -9.99 -22.79 -4.57
CA ILE C 27 -11.17 -23.43 -5.15
C ILE C 27 -11.14 -23.27 -6.67
N GLN C 28 -10.99 -24.36 -7.41
CA GLN C 28 -10.95 -24.28 -8.87
C GLN C 28 -12.37 -23.94 -9.33
N TYR C 29 -12.48 -23.02 -10.30
CA TYR C 29 -13.79 -22.60 -10.79
C TYR C 29 -13.68 -22.19 -12.25
N GLU C 30 -14.80 -22.15 -12.94
CA GLU C 30 -14.78 -21.67 -14.31
C GLU C 30 -14.96 -20.15 -14.26
N ASP C 31 -13.92 -19.41 -14.65
CA ASP C 31 -13.98 -17.97 -14.67
C ASP C 31 -14.45 -17.54 -16.05
N HIS C 32 -15.77 -17.65 -16.27
CA HIS C 32 -16.35 -17.33 -17.57
C HIS C 32 -16.62 -15.83 -17.76
N ARG C 33 -15.92 -15.25 -18.73
CA ARG C 33 -16.04 -13.85 -19.04
C ARG C 33 -16.71 -13.70 -20.40
N ILE C 34 -17.84 -13.01 -20.39
CA ILE C 34 -18.60 -12.78 -21.62
C ILE C 34 -18.21 -11.49 -22.35
N GLU C 35 -18.41 -11.50 -23.68
CA GLU C 35 -18.17 -10.34 -24.52
C GLU C 35 -19.30 -9.36 -24.26
N GLN C 36 -18.96 -8.08 -24.06
CA GLN C 36 -19.98 -7.05 -23.88
C GLN C 36 -21.02 -7.14 -24.99
N ALA C 37 -20.57 -7.56 -26.17
CA ALA C 37 -21.42 -7.68 -27.36
C ALA C 37 -22.43 -8.83 -27.30
N ASP C 38 -22.16 -9.82 -26.45
CA ASP C 38 -23.05 -10.98 -26.22
C ASP C 38 -23.98 -10.79 -25.01
N TRP C 39 -23.76 -9.71 -24.25
CA TRP C 39 -24.55 -9.46 -23.03
C TRP C 39 -26.07 -9.33 -23.24
N PRO C 40 -26.52 -8.45 -24.19
CA PRO C 40 -27.96 -8.24 -24.42
C PRO C 40 -28.79 -9.52 -24.47
N GLU C 41 -28.36 -10.51 -25.24
CA GLU C 41 -29.07 -11.78 -25.31
C GLU C 41 -28.99 -12.63 -24.01
N ILE C 42 -27.90 -12.48 -23.25
CA ILE C 42 -27.70 -13.22 -21.98
C ILE C 42 -28.49 -12.60 -20.83
N LYS C 43 -28.55 -11.27 -20.81
CA LYS C 43 -29.27 -10.53 -19.78
C LYS C 43 -30.67 -11.07 -19.49
N SER C 44 -31.51 -11.17 -20.53
CA SER C 44 -32.90 -11.60 -20.39
C SER C 44 -33.09 -13.01 -19.88
N THR C 45 -32.01 -13.81 -19.88
CA THR C 45 -32.10 -15.20 -19.47
C THR C 45 -31.96 -15.38 -17.95
N LEU C 46 -31.32 -14.39 -17.31
CA LEU C 46 -31.10 -14.37 -15.86
C LEU C 46 -32.32 -13.74 -15.15
N PRO C 47 -32.89 -14.46 -14.15
CA PRO C 47 -34.05 -14.02 -13.35
C PRO C 47 -34.10 -12.53 -12.94
N PHE C 48 -32.94 -11.94 -12.62
CA PHE C 48 -32.84 -10.54 -12.20
C PHE C 48 -32.00 -9.66 -13.12
N GLY C 49 -31.63 -10.21 -14.27
CA GLY C 49 -30.89 -9.50 -15.30
C GLY C 49 -29.55 -8.87 -14.98
N LYS C 50 -28.90 -9.28 -13.89
CA LYS C 50 -27.60 -8.69 -13.55
C LYS C 50 -26.49 -9.71 -13.36
N ILE C 51 -25.27 -9.28 -13.63
CA ILE C 51 -24.07 -10.07 -13.35
C ILE C 51 -23.28 -9.33 -12.27
N PRO C 52 -22.44 -10.05 -11.49
CA PRO C 52 -22.16 -11.49 -11.62
C PRO C 52 -23.21 -12.48 -11.12
N ILE C 53 -23.14 -13.69 -11.68
CA ILE C 53 -23.91 -14.82 -11.20
C ILE C 53 -22.89 -15.94 -10.93
N LEU C 54 -23.24 -16.82 -10.00
CA LEU C 54 -22.40 -17.97 -9.71
C LEU C 54 -23.27 -19.23 -9.76
N GLU C 55 -22.90 -20.16 -10.63
CA GLU C 55 -23.62 -21.42 -10.73
C GLU C 55 -22.91 -22.37 -9.76
N VAL C 56 -23.69 -22.94 -8.85
CA VAL C 56 -23.19 -23.86 -7.83
C VAL C 56 -23.97 -25.15 -8.04
N ASP C 57 -23.29 -26.19 -8.53
CA ASP C 57 -23.94 -27.45 -8.86
C ASP C 57 -25.28 -27.19 -9.57
N GLY C 58 -25.23 -26.42 -10.65
CA GLY C 58 -26.44 -26.11 -11.44
C GLY C 58 -27.42 -25.09 -10.88
N LEU C 59 -27.06 -24.45 -9.77
CA LEU C 59 -27.90 -23.43 -9.13
C LEU C 59 -27.32 -22.03 -9.39
N THR C 60 -28.18 -21.10 -9.82
CA THR C 60 -27.80 -19.74 -10.17
C THR C 60 -27.92 -18.75 -9.02
N LEU C 61 -26.79 -18.40 -8.39
CA LEU C 61 -26.79 -17.41 -7.33
C LEU C 61 -26.44 -16.06 -7.94
N HIS C 62 -27.01 -15.00 -7.36
CA HIS C 62 -26.72 -13.63 -7.80
C HIS C 62 -26.37 -12.75 -6.58
N GLN C 63 -25.91 -11.53 -6.88
CA GLN C 63 -25.46 -10.54 -5.89
C GLN C 63 -24.10 -10.89 -5.35
N SER C 64 -23.09 -10.16 -5.82
CA SER C 64 -21.69 -10.42 -5.49
C SER C 64 -21.38 -10.53 -4.01
N LEU C 65 -22.03 -9.72 -3.20
CA LEU C 65 -21.71 -9.71 -1.75
C LEU C 65 -22.47 -10.78 -0.98
N ALA C 66 -23.65 -11.16 -1.47
CA ALA C 66 -24.45 -12.22 -0.87
C ALA C 66 -23.65 -13.51 -1.06
N ILE C 67 -23.13 -13.67 -2.28
CA ILE C 67 -22.26 -14.77 -2.68
C ILE C 67 -20.97 -14.75 -1.86
N ALA C 68 -20.26 -13.61 -1.86
CA ALA C 68 -19.00 -13.51 -1.12
C ALA C 68 -19.15 -14.02 0.30
N ARG C 69 -20.24 -13.59 0.95
CA ARG C 69 -20.54 -13.95 2.33
C ARG C 69 -20.78 -15.44 2.48
N TYR C 70 -21.57 -16.00 1.57
CA TYR C 70 -21.86 -17.41 1.59
C TYR C 70 -20.60 -18.26 1.39
N LEU C 71 -19.66 -17.76 0.59
CA LEU C 71 -18.43 -18.51 0.29
C LEU C 71 -17.39 -18.45 1.40
N THR C 72 -17.46 -17.42 2.23
CA THR C 72 -16.48 -17.20 3.30
C THR C 72 -16.92 -17.72 4.67
N LYS C 73 -18.21 -18.09 4.79
CA LYS C 73 -18.73 -18.59 6.04
C LYS C 73 -17.98 -19.85 6.42
N ASN C 74 -17.50 -19.90 7.66
CA ASN C 74 -16.76 -21.07 8.15
C ASN C 74 -15.37 -21.21 7.60
N THR C 75 -14.83 -20.13 7.05
CA THR C 75 -13.45 -20.09 6.57
C THR C 75 -12.78 -19.03 7.42
N ASP C 76 -11.47 -18.86 7.30
CA ASP C 76 -10.82 -17.81 8.07
C ASP C 76 -10.95 -16.40 7.47
N LEU C 77 -11.66 -16.28 6.35
CA LEU C 77 -11.98 -14.94 5.78
C LEU C 77 -13.21 -14.34 6.47
N ALA C 78 -13.91 -15.15 7.26
CA ALA C 78 -15.08 -14.70 8.02
C ALA C 78 -14.62 -14.02 9.30
N GLY C 79 -15.41 -13.07 9.78
CA GLY C 79 -15.13 -12.44 11.09
C GLY C 79 -15.00 -13.53 12.15
N ASN C 80 -14.15 -13.32 13.15
CA ASN C 80 -13.91 -14.35 14.17
C ASN C 80 -15.03 -14.54 15.20
N THR C 81 -15.99 -13.60 15.21
CA THR C 81 -17.16 -13.59 16.09
C THR C 81 -18.33 -12.97 15.34
N GLU C 82 -19.55 -13.28 15.77
CA GLU C 82 -20.77 -12.72 15.20
C GLU C 82 -20.65 -11.18 15.09
N MET C 83 -20.03 -10.56 16.09
CA MET C 83 -19.82 -9.13 16.10
C MET C 83 -18.84 -8.67 15.02
N GLU C 84 -17.74 -9.41 14.89
CA GLU C 84 -16.74 -9.11 13.87
C GLU C 84 -17.39 -9.24 12.52
N GLN C 85 -18.20 -10.28 12.36
CA GLN C 85 -18.96 -10.50 11.12
C GLN C 85 -19.82 -9.26 10.82
N CYS C 86 -20.45 -8.69 11.85
CA CYS C 86 -21.18 -7.42 11.66
C CYS C 86 -20.22 -6.32 11.18
N HIS C 87 -19.02 -6.25 11.77
CA HIS C 87 -18.03 -5.24 11.37
C HIS C 87 -17.55 -5.43 9.93
N VAL C 88 -17.34 -6.68 9.54
CA VAL C 88 -17.00 -7.03 8.15
C VAL C 88 -18.07 -6.52 7.17
N ASP C 89 -19.31 -6.96 7.36
CA ASP C 89 -20.44 -6.53 6.54
C ASP C 89 -20.52 -5.02 6.45
N ALA C 90 -20.38 -4.34 7.59
CA ALA C 90 -20.48 -2.88 7.61
C ALA C 90 -19.39 -2.20 6.80
N ILE C 91 -18.14 -2.64 6.98
CA ILE C 91 -17.02 -2.08 6.24
C ILE C 91 -17.22 -2.34 4.74
N VAL C 92 -17.65 -3.55 4.42
CA VAL C 92 -17.93 -3.92 3.03
C VAL C 92 -19.03 -3.06 2.39
N ASP C 93 -20.15 -2.90 3.11
CA ASP C 93 -21.27 -2.08 2.64
C ASP C 93 -20.87 -0.61 2.48
N THR C 94 -20.03 -0.12 3.39
CA THR C 94 -19.50 1.25 3.31
C THR C 94 -18.71 1.44 2.01
N LEU C 95 -17.81 0.49 1.72
CA LEU C 95 -17.01 0.50 0.49
C LEU C 95 -17.89 0.34 -0.74
N ASP C 96 -18.90 -0.54 -0.66
CA ASP C 96 -19.79 -0.82 -1.77
C ASP C 96 -20.70 0.33 -2.16
N ASP C 97 -21.34 0.97 -1.18
CA ASP C 97 -22.28 2.08 -1.42
C ASP C 97 -21.55 3.11 -2.24
N PHE C 98 -20.24 3.14 -2.03
CA PHE C 98 -19.42 4.10 -2.69
C PHE C 98 -19.36 3.75 -4.16
N MET C 99 -18.92 2.52 -4.43
CA MET C 99 -18.76 1.97 -5.79
C MET C 99 -20.03 1.74 -6.60
N SER C 100 -21.17 2.16 -6.05
CA SER C 100 -22.45 1.90 -6.70
C SER C 100 -23.31 3.14 -7.03
N CYS C 101 -22.66 4.22 -7.46
CA CYS C 101 -23.37 5.45 -7.85
C CYS C 101 -22.46 6.47 -8.55
N ASN C 117 -18.38 11.03 -10.27
CA ASN C 117 -17.22 11.91 -10.06
C ASN C 117 -17.40 12.86 -8.89
N GLU C 118 -18.65 13.13 -8.53
CA GLU C 118 -18.96 13.93 -7.36
C GLU C 118 -18.72 13.11 -6.07
N LEU C 119 -18.40 11.83 -6.26
CA LEU C 119 -18.01 10.95 -5.16
C LEU C 119 -16.50 11.01 -5.12
N LEU C 120 -15.90 10.85 -6.30
CA LEU C 120 -14.45 10.82 -6.42
C LEU C 120 -13.75 12.03 -5.83
N THR C 121 -14.07 13.21 -6.31
CA THR C 121 -13.38 14.42 -5.84
C THR C 121 -13.98 14.97 -4.55
N TYR C 122 -15.20 14.58 -4.23
CA TYR C 122 -15.87 15.04 -3.00
C TYR C 122 -15.80 14.07 -1.83
N ASN C 123 -16.52 12.96 -1.98
CA ASN C 123 -16.67 11.96 -0.93
C ASN C 123 -15.55 10.96 -0.81
N ALA C 124 -14.76 10.77 -1.86
CA ALA C 124 -13.69 9.78 -1.79
C ALA C 124 -12.63 10.12 -0.74
N PRO C 125 -12.16 11.39 -0.69
CA PRO C 125 -11.19 11.79 0.33
C PRO C 125 -11.74 11.59 1.74
N HIS C 126 -13.01 11.92 1.97
CA HIS C 126 -13.65 11.71 3.27
C HIS C 126 -13.69 10.24 3.66
N LEU C 127 -13.97 9.38 2.69
CA LEU C 127 -13.95 7.94 2.93
C LEU C 127 -12.55 7.45 3.33
N MET C 128 -11.52 8.02 2.72
CA MET C 128 -10.14 7.62 3.03
C MET C 128 -9.78 8.04 4.44
N GLN C 129 -10.22 9.24 4.80
CA GLN C 129 -9.94 9.79 6.11
C GLN C 129 -10.63 8.97 7.20
N ASP C 130 -11.90 8.62 6.96
CA ASP C 130 -12.67 7.81 7.90
C ASP C 130 -12.04 6.43 8.06
N LEU C 131 -11.74 5.76 6.94
CA LEU C 131 -11.06 4.45 6.93
C LEU C 131 -9.69 4.47 7.62
N ASP C 132 -8.93 5.53 7.42
CA ASP C 132 -7.62 5.67 8.03
C ASP C 132 -7.77 5.87 9.54
N THR C 133 -8.82 6.57 9.95
CA THR C 133 -9.09 6.76 11.37
C THR C 133 -9.62 5.44 11.94
N TYR C 134 -10.51 4.79 11.19
CA TYR C 134 -11.10 3.51 11.60
C TYR C 134 -10.03 2.45 11.80
N LEU C 135 -9.13 2.35 10.83
CA LEU C 135 -8.04 1.39 10.88
C LEU C 135 -7.13 1.69 12.05
N GLY C 136 -6.81 2.97 12.25
CA GLY C 136 -5.90 3.37 13.30
C GLY C 136 -4.66 2.51 13.22
N GLY C 137 -4.16 2.07 14.38
CA GLY C 137 -2.96 1.24 14.42
C GLY C 137 -3.14 -0.25 14.15
N ARG C 138 -4.30 -0.67 13.67
CA ARG C 138 -4.51 -2.09 13.39
C ARG C 138 -3.75 -2.56 12.18
N GLU C 139 -3.57 -3.88 12.10
CA GLU C 139 -2.92 -4.51 10.97
C GLU C 139 -3.99 -4.75 9.88
N TRP C 140 -5.17 -5.25 10.30
CA TRP C 140 -6.27 -5.57 9.39
C TRP C 140 -7.53 -4.76 9.76
N LEU C 141 -8.53 -4.71 8.89
CA LEU C 141 -9.71 -3.87 9.15
C LEU C 141 -10.57 -4.30 10.36
N ILE C 142 -10.74 -5.60 10.52
CA ILE C 142 -11.50 -6.14 11.62
C ILE C 142 -10.70 -7.27 12.27
N GLY C 143 -10.66 -7.26 13.61
CA GLY C 143 -10.01 -8.31 14.38
C GLY C 143 -8.51 -8.45 14.19
N ASN C 144 -7.99 -9.65 14.46
CA ASN C 144 -6.53 -9.86 14.41
C ASN C 144 -5.95 -10.54 13.18
N SER C 145 -6.82 -10.85 12.21
CA SER C 145 -6.41 -11.52 10.98
C SER C 145 -7.26 -11.02 9.81
N VAL C 146 -6.78 -11.30 8.60
CA VAL C 146 -7.40 -10.87 7.34
C VAL C 146 -8.78 -11.49 7.15
N THR C 147 -9.70 -10.67 6.63
CA THR C 147 -11.06 -11.11 6.31
C THR C 147 -11.33 -10.62 4.89
N TRP C 148 -12.45 -11.03 4.31
CA TRP C 148 -12.81 -10.61 2.97
C TRP C 148 -13.09 -9.09 2.87
N ALA C 149 -13.14 -8.39 4.01
CA ALA C 149 -13.28 -6.93 4.05
C ALA C 149 -11.97 -6.27 3.60
N ASP C 150 -10.84 -6.87 4.00
CA ASP C 150 -9.52 -6.40 3.57
C ASP C 150 -9.37 -6.60 2.06
N PHE C 151 -9.87 -7.73 1.56
CA PHE C 151 -9.88 -8.07 0.13
C PHE C 151 -10.67 -7.00 -0.60
N TYR C 152 -11.87 -6.74 -0.11
CA TYR C 152 -12.76 -5.76 -0.73
C TYR C 152 -12.15 -4.32 -0.74
N TRP C 153 -11.48 -3.94 0.33
CA TRP C 153 -10.81 -2.63 0.36
C TRP C 153 -9.78 -2.55 -0.74
N GLU C 154 -8.93 -3.57 -0.85
CA GLU C 154 -7.86 -3.58 -1.88
C GLU C 154 -8.48 -3.52 -3.26
N ILE C 155 -9.58 -4.22 -3.46
CA ILE C 155 -10.31 -4.26 -4.77
C ILE C 155 -10.97 -2.91 -5.11
N CYS C 156 -11.69 -2.33 -4.16
CA CYS C 156 -12.36 -1.05 -4.41
C CYS C 156 -11.32 0.05 -4.60
N SER C 157 -10.31 0.07 -3.72
CA SER C 157 -9.25 1.08 -3.79
C SER C 157 -8.48 0.99 -5.12
N THR C 158 -8.23 -0.24 -5.61
CA THR C 158 -7.58 -0.44 -6.92
C THR C 158 -8.29 0.33 -8.05
N THR C 159 -9.63 0.22 -8.10
CA THR C 159 -10.44 0.90 -9.12
C THR C 159 -10.53 2.42 -8.90
N LEU C 160 -10.75 2.83 -7.64
CA LEU C 160 -10.77 4.27 -7.31
C LEU C 160 -9.47 5.00 -7.69
N LEU C 161 -8.36 4.29 -7.58
CA LEU C 161 -7.05 4.80 -7.93
C LEU C 161 -6.92 5.06 -9.44
N VAL C 162 -7.67 4.31 -10.24
CA VAL C 162 -7.65 4.52 -11.69
C VAL C 162 -8.22 5.91 -12.03
N PHE C 163 -9.26 6.28 -11.31
CA PHE C 163 -9.95 7.55 -11.53
C PHE C 163 -9.46 8.73 -10.70
N LYS C 164 -8.68 8.44 -9.65
CA LYS C 164 -8.18 9.46 -8.78
C LYS C 164 -6.85 8.92 -8.27
N PRO C 165 -5.80 9.01 -9.10
CA PRO C 165 -4.49 8.43 -8.73
C PRO C 165 -3.86 8.93 -7.43
N ASP C 166 -4.33 10.08 -6.94
CA ASP C 166 -3.75 10.71 -5.73
C ASP C 166 -4.55 10.41 -4.46
N LEU C 167 -5.44 9.45 -4.58
CA LEU C 167 -6.36 9.06 -3.50
C LEU C 167 -5.68 8.75 -2.16
N LEU C 168 -4.55 8.04 -2.22
CA LEU C 168 -3.84 7.60 -1.02
C LEU C 168 -2.51 8.29 -0.80
N ASP C 169 -2.26 9.39 -1.51
CA ASP C 169 -0.99 10.10 -1.37
C ASP C 169 -0.68 10.55 0.04
N ASN C 170 -1.72 10.78 0.83
CA ASN C 170 -1.53 11.23 2.20
C ASN C 170 -2.02 10.18 3.22
N HIS C 171 -2.21 8.95 2.75
CA HIS C 171 -2.71 7.87 3.63
C HIS C 171 -1.88 6.60 3.53
N PRO C 172 -0.62 6.65 4.00
CA PRO C 172 0.26 5.49 3.90
C PRO C 172 -0.26 4.28 4.70
N ARG C 173 -1.15 4.48 5.67
CA ARG C 173 -1.68 3.34 6.40
C ARG C 173 -2.67 2.51 5.56
N LEU C 174 -3.38 3.18 4.65
CA LEU C 174 -4.28 2.52 3.72
C LEU C 174 -3.46 1.87 2.59
N VAL C 175 -2.32 2.47 2.25
CA VAL C 175 -1.41 1.87 1.26
C VAL C 175 -0.78 0.59 1.89
N THR C 176 -0.38 0.68 3.15
CA THR C 176 0.17 -0.45 3.85
C THR C 176 -0.77 -1.66 3.77
N LEU C 177 -2.05 -1.46 4.06
CA LEU C 177 -3.07 -2.51 3.98
C LEU C 177 -3.22 -3.10 2.53
N ARG C 178 -3.13 -2.26 1.50
CA ARG C 178 -3.17 -2.77 0.13
C ARG C 178 -1.97 -3.71 -0.09
N LYS C 179 -0.80 -3.31 0.41
CA LYS C 179 0.42 -4.09 0.29
C LYS C 179 0.31 -5.43 0.95
N LYS C 180 -0.35 -5.47 2.11
CA LYS C 180 -0.51 -6.71 2.88
C LYS C 180 -1.43 -7.68 2.19
N VAL C 181 -2.54 -7.19 1.66
CA VAL C 181 -3.45 -8.06 0.92
C VAL C 181 -2.77 -8.59 -0.32
N GLN C 182 -2.06 -7.70 -1.01
CA GLN C 182 -1.37 -8.10 -2.22
C GLN C 182 -0.17 -8.99 -1.93
N ALA C 183 0.27 -9.03 -0.67
CA ALA C 183 1.42 -9.86 -0.29
C ALA C 183 1.00 -11.31 0.02
N ILE C 184 -0.31 -11.54 0.20
CA ILE C 184 -0.82 -12.90 0.42
C ILE C 184 -0.53 -13.68 -0.87
N PRO C 185 0.27 -14.78 -0.78
CA PRO C 185 0.61 -15.54 -1.97
C PRO C 185 -0.56 -15.92 -2.89
N ALA C 186 -1.68 -16.39 -2.33
CA ALA C 186 -2.85 -16.74 -3.14
C ALA C 186 -3.38 -15.53 -3.93
N VAL C 187 -3.37 -14.36 -3.29
CA VAL C 187 -3.82 -13.11 -3.91
C VAL C 187 -2.77 -12.62 -4.92
N ALA C 188 -1.50 -12.60 -4.51
CA ALA C 188 -0.42 -12.16 -5.40
C ALA C 188 -0.33 -12.97 -6.70
N ASN C 189 -0.63 -14.26 -6.64
CA ASN C 189 -0.60 -15.04 -7.86
C ASN C 189 -1.84 -14.79 -8.73
N TRP C 190 -3.00 -14.58 -8.09
CA TRP C 190 -4.20 -14.23 -8.85
C TRP C 190 -4.00 -12.91 -9.58
N ILE C 191 -3.50 -11.90 -8.86
CA ILE C 191 -3.23 -10.57 -9.44
C ILE C 191 -2.31 -10.66 -10.65
N LYS C 192 -1.60 -11.78 -10.75
CA LYS C 192 -0.64 -12.03 -11.80
C LYS C 192 -1.32 -12.78 -12.95
N ARG C 193 -2.08 -13.81 -12.62
CA ARG C 193 -2.78 -14.61 -13.61
C ARG C 193 -3.93 -13.79 -14.33
N ARG C 194 -4.54 -12.85 -13.61
CA ARG C 194 -5.71 -12.13 -14.14
C ARG C 194 -5.50 -11.22 -15.37
N PRO C 195 -6.48 -11.22 -16.29
CA PRO C 195 -6.43 -10.32 -17.43
C PRO C 195 -6.31 -8.88 -16.93
N GLN C 196 -5.40 -8.11 -17.53
CA GLN C 196 -5.21 -6.71 -17.16
C GLN C 196 -6.36 -5.87 -17.71
N THR C 197 -7.13 -5.29 -16.80
CA THR C 197 -8.23 -4.45 -17.18
C THR C 197 -8.18 -3.18 -16.34
N LYS C 198 -8.90 -2.17 -16.80
CA LYS C 198 -8.95 -0.92 -16.13
C LYS C 198 -9.92 -1.05 -14.96
N LEU C 199 -11.08 -1.62 -15.24
CA LEU C 199 -12.14 -1.77 -14.25
C LEU C 199 -12.29 -3.21 -13.79
N PRO D 2 -29.19 -6.46 26.23
CA PRO D 2 -28.22 -5.49 25.71
C PRO D 2 -28.83 -4.10 25.62
N ASN D 3 -28.05 -3.08 25.98
CA ASN D 3 -28.52 -1.69 26.03
C ASN D 3 -28.60 -0.99 24.66
N TYR D 4 -29.27 -1.62 23.72
CA TYR D 4 -29.41 -1.09 22.37
C TYR D 4 -29.96 0.32 22.28
N LYS D 5 -29.31 1.13 21.44
CA LYS D 5 -29.77 2.49 21.14
C LYS D 5 -29.59 2.72 19.65
N LEU D 6 -30.72 2.93 18.99
CA LEU D 6 -30.76 3.15 17.56
C LEU D 6 -30.87 4.65 17.31
N THR D 7 -30.03 5.19 16.43
CA THR D 7 -30.08 6.60 16.08
C THR D 7 -30.34 6.77 14.59
N TYR D 8 -31.31 7.63 14.25
CA TYR D 8 -31.69 7.88 12.85
C TYR D 8 -32.61 9.10 12.81
N PHE D 9 -33.04 9.50 11.63
CA PHE D 9 -34.01 10.59 11.52
C PHE D 9 -35.36 10.06 11.98
N ASN D 10 -36.33 10.98 12.15
CA ASN D 10 -37.70 10.59 12.52
C ASN D 10 -38.36 10.20 11.20
N MET D 11 -38.07 8.96 10.79
CA MET D 11 -38.42 8.48 9.47
C MET D 11 -38.27 6.98 9.53
N ARG D 12 -39.05 6.25 8.73
CA ARG D 12 -38.88 4.81 8.65
C ARG D 12 -37.50 4.62 8.01
N GLY D 13 -37.35 5.18 6.80
CA GLY D 13 -36.11 5.14 6.02
C GLY D 13 -35.28 3.88 6.10
N ARG D 14 -34.00 4.07 6.39
CA ARG D 14 -33.07 2.94 6.44
C ARG D 14 -32.99 2.21 7.77
N ALA D 15 -33.59 2.79 8.80
CA ALA D 15 -33.61 2.14 10.11
C ALA D 15 -34.81 1.22 10.26
N GLU D 16 -35.85 1.40 9.44
CA GLU D 16 -37.08 0.64 9.61
C GLU D 16 -36.87 -0.87 9.77
N ILE D 17 -36.00 -1.44 8.94
CA ILE D 17 -35.72 -2.86 9.01
C ILE D 17 -35.24 -3.29 10.42
N ILE D 18 -34.42 -2.46 11.03
CA ILE D 18 -33.93 -2.75 12.39
C ILE D 18 -35.10 -2.66 13.38
N ARG D 19 -35.96 -1.68 13.17
CA ARG D 19 -37.11 -1.47 14.03
C ARG D 19 -38.06 -2.66 13.99
N TYR D 20 -38.34 -3.15 12.79
CA TYR D 20 -39.17 -4.34 12.62
C TYR D 20 -38.58 -5.54 13.34
N ILE D 21 -37.26 -5.73 13.21
CA ILE D 21 -36.55 -6.88 13.80
C ILE D 21 -36.61 -6.88 15.32
N PHE D 22 -36.41 -5.71 15.91
CA PHE D 22 -36.52 -5.53 17.35
C PHE D 22 -37.94 -5.85 17.79
N ALA D 23 -38.92 -5.41 17.00
CA ALA D 23 -40.35 -5.68 17.26
C ALA D 23 -40.66 -7.18 17.23
N TYR D 24 -40.31 -7.82 16.11
CA TYR D 24 -40.55 -9.26 15.95
C TYR D 24 -39.93 -10.07 17.09
N LEU D 25 -38.68 -9.75 17.42
CA LEU D 25 -37.94 -10.47 18.47
C LEU D 25 -38.22 -9.94 19.88
N ASP D 26 -39.04 -8.90 19.98
CA ASP D 26 -39.44 -8.33 21.27
C ASP D 26 -38.19 -7.92 22.07
N ILE D 27 -37.33 -7.13 21.46
CA ILE D 27 -36.09 -6.68 22.12
C ILE D 27 -36.28 -5.21 22.44
N GLN D 28 -35.82 -4.76 23.60
CA GLN D 28 -35.93 -3.34 23.91
C GLN D 28 -34.76 -2.56 23.32
N TYR D 29 -35.01 -1.30 23.02
CA TYR D 29 -34.01 -0.41 22.47
C TYR D 29 -34.54 1.00 22.62
N GLU D 30 -33.66 1.98 22.57
CA GLU D 30 -34.07 3.36 22.58
C GLU D 30 -34.15 3.75 21.12
N ASP D 31 -35.34 4.22 20.71
CA ASP D 31 -35.58 4.61 19.33
C ASP D 31 -35.32 6.09 19.25
N HIS D 32 -34.04 6.45 19.24
CA HIS D 32 -33.66 7.84 19.24
C HIS D 32 -33.75 8.50 17.86
N ARG D 33 -34.81 9.28 17.70
CA ARG D 33 -35.09 10.02 16.48
C ARG D 33 -34.60 11.45 16.64
N ILE D 34 -33.85 11.89 15.64
CA ILE D 34 -33.27 13.22 15.63
C ILE D 34 -33.79 14.05 14.45
N GLU D 35 -33.72 15.37 14.58
CA GLU D 35 -34.10 16.28 13.49
C GLU D 35 -32.89 16.71 12.65
N GLN D 36 -33.17 17.32 11.50
CA GLN D 36 -32.15 17.77 10.55
C GLN D 36 -31.20 18.85 11.10
N ALA D 37 -31.70 19.65 12.03
CA ALA D 37 -30.95 20.76 12.63
C ALA D 37 -29.85 20.31 13.59
N ASP D 38 -30.10 19.24 14.34
CA ASP D 38 -29.10 18.75 15.28
C ASP D 38 -28.23 17.67 14.65
N TRP D 39 -28.36 17.51 13.33
CA TRP D 39 -27.62 16.47 12.60
C TRP D 39 -26.10 16.70 12.42
N PRO D 40 -25.70 17.86 11.84
CA PRO D 40 -24.25 18.13 11.68
C PRO D 40 -23.40 17.86 12.93
N GLU D 41 -23.78 18.39 14.09
CA GLU D 41 -22.99 18.14 15.32
C GLU D 41 -22.89 16.65 15.71
N ILE D 42 -23.91 15.87 15.35
CA ILE D 42 -23.89 14.42 15.59
C ILE D 42 -23.04 13.74 14.51
N LYS D 43 -23.28 14.12 13.26
CA LYS D 43 -22.61 13.56 12.08
C LYS D 43 -21.08 13.50 12.21
N SER D 44 -20.48 14.60 12.68
CA SER D 44 -19.04 14.70 12.85
C SER D 44 -18.46 13.77 13.92
N THR D 45 -19.31 13.22 14.78
CA THR D 45 -18.84 12.31 15.83
C THR D 45 -18.91 10.85 15.40
N LEU D 46 -19.58 10.59 14.29
CA LEU D 46 -19.77 9.22 13.77
C LEU D 46 -18.60 8.82 12.89
N PRO D 47 -17.95 7.69 13.22
CA PRO D 47 -16.82 7.12 12.45
C PRO D 47 -16.95 7.16 10.92
N PHE D 48 -18.15 6.95 10.37
CA PHE D 48 -18.33 6.98 8.92
C PHE D 48 -19.36 8.02 8.44
N GLY D 49 -19.76 8.90 9.34
CA GLY D 49 -20.65 10.03 9.06
C GLY D 49 -22.02 9.74 8.51
N LYS D 50 -22.60 8.62 8.93
CA LYS D 50 -23.92 8.21 8.46
C LYS D 50 -24.78 7.51 9.52
N ILE D 51 -26.08 7.67 9.37
CA ILE D 51 -27.07 7.03 10.20
C ILE D 51 -27.88 6.14 9.26
N PRO D 52 -28.50 5.06 9.78
CA PRO D 52 -28.60 4.66 11.18
C PRO D 52 -27.32 4.15 11.83
N ILE D 53 -27.25 4.31 13.14
CA ILE D 53 -26.20 3.68 13.91
C ILE D 53 -26.95 2.97 15.04
N LEU D 54 -26.32 1.96 15.62
CA LEU D 54 -26.87 1.23 16.74
C LEU D 54 -25.77 1.05 17.78
N GLU D 55 -25.97 1.58 18.98
CA GLU D 55 -24.99 1.43 20.03
C GLU D 55 -25.37 0.28 20.93
N VAL D 56 -24.35 -0.41 21.44
CA VAL D 56 -24.52 -1.53 22.34
C VAL D 56 -23.24 -1.57 23.12
N ASP D 57 -23.35 -1.77 24.43
CA ASP D 57 -22.19 -1.91 25.28
C ASP D 57 -21.04 -0.97 24.88
N GLY D 58 -21.36 0.27 24.52
CA GLY D 58 -20.33 1.23 24.14
C GLY D 58 -19.75 1.09 22.73
N LEU D 59 -20.19 0.07 21.99
CA LEU D 59 -19.78 -0.09 20.59
C LEU D 59 -20.78 0.59 19.68
N THR D 60 -20.27 1.33 18.69
CA THR D 60 -21.13 1.96 17.72
C THR D 60 -21.15 1.14 16.43
N LEU D 61 -22.29 0.54 16.13
CA LEU D 61 -22.47 -0.25 14.92
C LEU D 61 -23.09 0.66 13.86
N HIS D 62 -22.81 0.38 12.58
CA HIS D 62 -23.37 1.16 11.47
C HIS D 62 -23.74 0.25 10.32
N GLN D 63 -24.41 0.83 9.32
CA GLN D 63 -24.87 0.13 8.10
C GLN D 63 -26.12 -0.67 8.40
N SER D 64 -27.26 -0.17 7.97
CA SER D 64 -28.54 -0.80 8.34
C SER D 64 -28.63 -2.32 8.12
N LEU D 65 -28.16 -2.75 6.96
CA LEU D 65 -28.25 -4.16 6.60
C LEU D 65 -27.28 -5.06 7.37
N ALA D 66 -26.08 -4.53 7.64
CA ALA D 66 -25.06 -5.24 8.39
C ALA D 66 -25.56 -5.44 9.80
N ILE D 67 -26.28 -4.46 10.32
CA ILE D 67 -26.91 -4.55 11.65
C ILE D 67 -28.06 -5.53 11.58
N ALA D 68 -28.98 -5.32 10.63
CA ALA D 68 -30.09 -6.25 10.45
C ALA D 68 -29.64 -7.71 10.38
N ARG D 69 -28.52 -7.98 9.71
CA ARG D 69 -28.06 -9.39 9.60
C ARG D 69 -27.53 -9.92 10.93
N TYR D 70 -26.81 -9.06 11.66
CA TYR D 70 -26.27 -9.37 12.98
C TYR D 70 -27.40 -9.73 13.95
N LEU D 71 -28.42 -8.88 13.99
CA LEU D 71 -29.57 -9.06 14.89
C LEU D 71 -30.42 -10.29 14.55
N THR D 72 -30.42 -10.72 13.29
CA THR D 72 -31.24 -11.86 12.87
C THR D 72 -30.53 -13.20 12.87
N LYS D 73 -29.23 -13.15 13.03
CA LYS D 73 -28.40 -14.36 13.07
C LYS D 73 -28.92 -15.27 14.19
N ASN D 74 -29.05 -16.55 13.88
CA ASN D 74 -29.52 -17.57 14.83
C ASN D 74 -30.95 -17.34 15.31
N THR D 75 -31.74 -16.61 14.51
CA THR D 75 -33.15 -16.43 14.81
C THR D 75 -33.96 -17.04 13.66
N ASP D 76 -35.27 -17.10 13.85
CA ASP D 76 -36.15 -17.61 12.82
C ASP D 76 -36.33 -16.66 11.60
N LEU D 77 -35.85 -15.41 11.72
CA LEU D 77 -35.88 -14.42 10.64
C LEU D 77 -34.77 -14.63 9.63
N ALA D 78 -33.76 -15.41 10.01
CA ALA D 78 -32.65 -15.77 9.16
C ALA D 78 -33.09 -16.95 8.31
N GLY D 79 -32.31 -17.24 7.27
CA GLY D 79 -32.56 -18.40 6.44
C GLY D 79 -32.37 -19.65 7.30
N ASN D 80 -33.06 -20.72 6.93
CA ASN D 80 -33.02 -21.97 7.69
C ASN D 80 -31.71 -22.73 7.47
N THR D 81 -31.07 -22.47 6.34
CA THR D 81 -29.78 -23.06 5.95
C THR D 81 -28.86 -21.96 5.43
N GLU D 82 -27.59 -22.30 5.25
CA GLU D 82 -26.56 -21.38 4.72
C GLU D 82 -26.89 -20.90 3.28
N MET D 83 -27.51 -21.76 2.49
CA MET D 83 -27.91 -21.42 1.14
C MET D 83 -29.08 -20.44 1.17
N GLU D 84 -30.07 -20.72 2.03
CA GLU D 84 -31.21 -19.83 2.21
C GLU D 84 -30.78 -18.47 2.69
N GLN D 85 -29.76 -18.43 3.55
CA GLN D 85 -29.20 -17.17 4.00
C GLN D 85 -28.65 -16.38 2.80
N CYS D 86 -27.94 -17.06 1.89
CA CYS D 86 -27.44 -16.40 0.68
C CYS D 86 -28.59 -15.81 -0.15
N HIS D 87 -29.71 -16.55 -0.29
CA HIS D 87 -30.84 -16.00 -1.05
C HIS D 87 -31.46 -14.81 -0.34
N VAL D 88 -31.57 -14.88 0.99
CA VAL D 88 -32.07 -13.76 1.80
C VAL D 88 -31.22 -12.52 1.50
N ASP D 89 -29.90 -12.68 1.59
CA ASP D 89 -28.97 -11.58 1.33
C ASP D 89 -29.14 -11.05 -0.08
N ALA D 90 -29.24 -11.95 -1.06
CA ALA D 90 -29.34 -11.56 -2.47
C ALA D 90 -30.60 -10.76 -2.77
N ILE D 91 -31.72 -11.15 -2.16
CA ILE D 91 -33.00 -10.44 -2.35
C ILE D 91 -32.97 -9.08 -1.67
N VAL D 92 -32.45 -9.05 -0.45
CA VAL D 92 -32.30 -7.84 0.31
C VAL D 92 -31.42 -6.82 -0.46
N ASP D 93 -30.35 -7.31 -1.09
CA ASP D 93 -29.43 -6.45 -1.86
C ASP D 93 -30.03 -5.94 -3.17
N THR D 94 -30.74 -6.82 -3.88
CA THR D 94 -31.46 -6.46 -5.13
C THR D 94 -32.42 -5.32 -4.82
N LEU D 95 -33.17 -5.47 -3.74
CA LEU D 95 -34.11 -4.44 -3.31
C LEU D 95 -33.37 -3.17 -2.93
N ASP D 96 -32.31 -3.33 -2.17
CA ASP D 96 -31.55 -2.18 -1.69
C ASP D 96 -30.86 -1.45 -2.81
N ASP D 97 -30.38 -2.18 -3.81
CA ASP D 97 -29.73 -1.55 -4.96
C ASP D 97 -30.67 -0.56 -5.60
N PHE D 98 -31.88 -1.02 -5.92
CA PHE D 98 -32.90 -0.18 -6.55
C PHE D 98 -33.28 1.04 -5.72
N MET D 99 -33.53 0.84 -4.43
CA MET D 99 -33.92 1.94 -3.54
C MET D 99 -32.83 2.98 -3.43
N SER D 100 -31.61 2.52 -3.60
CA SER D 100 -30.43 3.36 -3.53
C SER D 100 -30.23 4.22 -4.78
N CYS D 101 -30.74 3.76 -5.94
CA CYS D 101 -30.63 4.54 -7.18
C CYS D 101 -31.28 5.92 -7.03
N PHE D 102 -32.33 5.99 -6.20
CA PHE D 102 -33.08 7.22 -5.93
C PHE D 102 -32.22 8.27 -5.24
N PRO D 103 -32.28 9.52 -5.75
CA PRO D 103 -31.49 10.60 -5.17
C PRO D 103 -32.26 11.33 -4.07
N TRP D 104 -32.38 10.65 -2.93
CA TRP D 104 -33.09 11.18 -1.77
C TRP D 104 -32.51 12.51 -1.29
N ALA D 105 -31.18 12.63 -1.28
CA ALA D 105 -30.49 13.83 -0.76
C ALA D 105 -30.63 15.12 -1.59
N GLU D 106 -30.73 14.97 -2.91
CA GLU D 106 -30.84 16.10 -3.86
C GLU D 106 -31.76 17.23 -3.38
N LYS D 107 -31.28 18.46 -3.50
CA LYS D 107 -32.04 19.62 -3.05
C LYS D 107 -32.79 20.38 -4.16
N LYS D 108 -32.62 19.96 -5.41
CA LYS D 108 -33.29 20.58 -6.57
C LYS D 108 -34.50 19.72 -6.98
N GLN D 109 -35.67 20.08 -6.44
CA GLN D 109 -36.92 19.30 -6.65
C GLN D 109 -37.25 18.92 -8.11
N ASP D 110 -36.91 19.77 -9.08
CA ASP D 110 -37.18 19.47 -10.50
C ASP D 110 -36.39 18.23 -10.97
N VAL D 111 -35.08 18.27 -10.80
CA VAL D 111 -34.18 17.17 -11.14
C VAL D 111 -34.68 15.93 -10.37
N LYS D 112 -34.74 16.08 -9.05
CA LYS D 112 -35.17 15.06 -8.11
C LYS D 112 -36.49 14.39 -8.54
N GLU D 113 -37.53 15.19 -8.80
CA GLU D 113 -38.82 14.65 -9.27
C GLU D 113 -38.73 13.88 -10.61
N GLN D 114 -37.83 14.29 -11.50
CA GLN D 114 -37.69 13.58 -12.78
C GLN D 114 -36.79 12.33 -12.72
N MET D 115 -35.79 12.31 -11.85
CA MET D 115 -34.97 11.09 -11.66
C MET D 115 -35.86 10.00 -11.03
N PHE D 116 -36.77 10.45 -10.16
CA PHE D 116 -37.79 9.59 -9.57
C PHE D 116 -38.69 9.10 -10.69
N ASN D 117 -38.96 9.98 -11.66
CA ASN D 117 -39.83 9.63 -12.77
C ASN D 117 -39.16 8.60 -13.68
N GLU D 118 -37.89 8.80 -14.02
CA GLU D 118 -37.18 7.77 -14.80
C GLU D 118 -37.29 6.41 -14.10
N LEU D 119 -36.75 6.34 -12.88
CA LEU D 119 -36.74 5.12 -12.06
C LEU D 119 -38.10 4.45 -11.86
N LEU D 120 -39.11 5.24 -11.52
CA LEU D 120 -40.44 4.71 -11.27
C LEU D 120 -41.19 4.22 -12.51
N THR D 121 -40.84 4.81 -13.66
CA THR D 121 -41.49 4.53 -14.95
C THR D 121 -40.80 3.46 -15.78
N TYR D 122 -39.48 3.54 -15.90
CA TYR D 122 -38.73 2.61 -16.74
C TYR D 122 -38.11 1.41 -16.01
N ASN D 123 -37.82 1.54 -14.72
CA ASN D 123 -37.15 0.47 -13.95
C ASN D 123 -38.04 -0.32 -12.98
N ALA D 124 -38.80 0.41 -12.15
CA ALA D 124 -39.69 -0.21 -11.16
C ALA D 124 -40.57 -1.37 -11.69
N PRO D 125 -41.27 -1.19 -12.83
CA PRO D 125 -42.12 -2.30 -13.31
C PRO D 125 -41.33 -3.59 -13.60
N HIS D 126 -40.08 -3.44 -14.03
CA HIS D 126 -39.21 -4.55 -14.37
C HIS D 126 -38.73 -5.27 -13.12
N LEU D 127 -38.45 -4.50 -12.07
CA LEU D 127 -38.06 -5.08 -10.79
C LEU D 127 -39.26 -5.81 -10.18
N MET D 128 -40.45 -5.25 -10.35
CA MET D 128 -41.68 -5.88 -9.87
C MET D 128 -41.95 -7.22 -10.55
N GLN D 129 -41.75 -7.29 -11.86
CA GLN D 129 -41.93 -8.54 -12.60
C GLN D 129 -40.90 -9.58 -12.20
N ASP D 130 -39.63 -9.20 -12.18
CA ASP D 130 -38.56 -10.13 -11.76
C ASP D 130 -38.83 -10.72 -10.37
N LEU D 131 -39.31 -9.84 -9.49
CA LEU D 131 -39.59 -10.19 -8.10
C LEU D 131 -40.87 -11.08 -8.06
N ASP D 132 -41.83 -10.78 -8.93
CA ASP D 132 -43.06 -11.58 -9.04
C ASP D 132 -42.74 -13.00 -9.56
N THR D 133 -41.89 -13.08 -10.59
CA THR D 133 -41.47 -14.37 -11.14
C THR D 133 -40.60 -15.13 -10.16
N TYR D 134 -39.88 -14.38 -9.31
CA TYR D 134 -39.02 -15.00 -8.30
C TYR D 134 -39.87 -15.69 -7.22
N LEU D 135 -40.87 -14.96 -6.74
CA LEU D 135 -41.76 -15.48 -5.71
C LEU D 135 -42.60 -16.64 -6.24
N GLY D 136 -42.96 -16.59 -7.52
CA GLY D 136 -43.82 -17.60 -8.11
C GLY D 136 -45.07 -17.73 -7.26
N GLY D 137 -45.45 -18.97 -6.96
CA GLY D 137 -46.66 -19.24 -6.17
C GLY D 137 -46.34 -19.56 -4.73
N ARG D 138 -45.12 -19.26 -4.29
CA ARG D 138 -44.69 -19.57 -2.94
C ARG D 138 -45.33 -18.64 -1.89
N GLU D 139 -45.30 -19.07 -0.63
CA GLU D 139 -45.87 -18.26 0.45
C GLU D 139 -44.96 -17.10 0.81
N TRP D 140 -43.67 -17.40 1.00
CA TRP D 140 -42.66 -16.39 1.32
C TRP D 140 -41.56 -16.37 0.28
N LEU D 141 -40.78 -15.29 0.26
CA LEU D 141 -39.69 -15.11 -0.70
C LEU D 141 -38.62 -16.21 -0.63
N ILE D 142 -38.18 -16.54 0.59
CA ILE D 142 -37.18 -17.59 0.77
C ILE D 142 -37.66 -18.62 1.79
N GLY D 143 -37.56 -19.91 1.42
CA GLY D 143 -37.88 -21.04 2.29
C GLY D 143 -39.34 -21.22 2.68
N ASN D 144 -39.61 -21.87 3.79
CA ASN D 144 -41.01 -22.13 4.19
C ASN D 144 -41.58 -21.28 5.34
N SER D 145 -40.85 -20.23 5.70
CA SER D 145 -41.27 -19.29 6.71
C SER D 145 -40.70 -17.90 6.44
N VAL D 146 -41.29 -16.90 7.11
CA VAL D 146 -40.87 -15.52 6.96
C VAL D 146 -39.40 -15.32 7.32
N THR D 147 -38.72 -14.48 6.53
CA THR D 147 -37.35 -14.07 6.81
C THR D 147 -37.36 -12.54 6.77
N TRP D 148 -36.25 -11.91 7.20
CA TRP D 148 -36.19 -10.44 7.15
C TRP D 148 -36.22 -9.89 5.72
N ALA D 149 -36.05 -10.77 4.72
CA ALA D 149 -36.21 -10.35 3.31
C ALA D 149 -37.67 -9.94 3.02
N ASP D 150 -38.63 -10.67 3.57
CA ASP D 150 -40.06 -10.36 3.42
C ASP D 150 -40.33 -9.02 4.09
N PHE D 151 -39.73 -8.86 5.27
CA PHE D 151 -39.76 -7.60 6.01
C PHE D 151 -39.24 -6.46 5.14
N TYR D 152 -38.09 -6.64 4.49
CA TYR D 152 -37.50 -5.57 3.67
C TYR D 152 -38.34 -5.30 2.41
N TRP D 153 -38.91 -6.37 1.85
CA TRP D 153 -39.82 -6.19 0.73
C TRP D 153 -40.98 -5.28 1.16
N GLU D 154 -41.58 -5.58 2.30
CA GLU D 154 -42.73 -4.82 2.79
C GLU D 154 -42.33 -3.38 3.09
N ILE D 155 -41.10 -3.18 3.58
CA ILE D 155 -40.61 -1.83 3.90
C ILE D 155 -40.32 -1.02 2.61
N CYS D 156 -39.55 -1.59 1.69
CA CYS D 156 -39.21 -0.93 0.43
C CYS D 156 -40.43 -0.64 -0.44
N SER D 157 -41.36 -1.59 -0.50
CA SER D 157 -42.56 -1.40 -1.28
C SER D 157 -43.44 -0.33 -0.64
N THR D 158 -43.48 -0.25 0.70
CA THR D 158 -44.32 0.77 1.35
C THR D 158 -43.97 2.16 0.84
N THR D 159 -42.67 2.45 0.76
CA THR D 159 -42.17 3.74 0.30
C THR D 159 -42.38 3.96 -1.20
N LEU D 160 -42.08 2.94 -2.00
CA LEU D 160 -42.31 3.04 -3.43
C LEU D 160 -43.78 3.34 -3.80
N LEU D 161 -44.73 2.79 -3.04
CA LEU D 161 -46.16 2.98 -3.31
C LEU D 161 -46.68 4.39 -3.00
N VAL D 162 -45.87 5.17 -2.31
CA VAL D 162 -46.22 6.54 -2.01
C VAL D 162 -46.18 7.34 -3.32
N PHE D 163 -45.11 7.15 -4.09
CA PHE D 163 -44.88 7.88 -5.32
C PHE D 163 -45.39 7.16 -6.55
N LYS D 164 -45.69 5.87 -6.42
CA LYS D 164 -46.26 5.10 -7.52
C LYS D 164 -47.29 4.11 -6.95
N PRO D 165 -48.51 4.61 -6.64
CA PRO D 165 -49.59 3.82 -6.05
C PRO D 165 -49.99 2.59 -6.86
N ASP D 166 -49.87 2.67 -8.19
CA ASP D 166 -50.26 1.57 -9.07
C ASP D 166 -49.13 0.55 -9.34
N LEU D 167 -48.05 0.65 -8.57
CA LEU D 167 -46.86 -0.19 -8.70
C LEU D 167 -47.12 -1.69 -8.73
N LEU D 168 -48.05 -2.15 -7.88
CA LEU D 168 -48.32 -3.58 -7.78
C LEU D 168 -49.63 -4.04 -8.43
N ASP D 169 -50.19 -3.21 -9.30
CA ASP D 169 -51.46 -3.55 -9.93
C ASP D 169 -51.44 -4.85 -10.73
N ASN D 170 -50.37 -5.07 -11.48
CA ASN D 170 -50.23 -6.33 -12.22
C ASN D 170 -49.55 -7.46 -11.43
N HIS D 171 -49.44 -7.29 -10.10
CA HIS D 171 -48.74 -8.27 -9.25
C HIS D 171 -49.41 -8.65 -7.91
N PRO D 172 -50.60 -9.26 -7.95
CA PRO D 172 -51.35 -9.61 -6.74
C PRO D 172 -50.55 -10.43 -5.71
N ARG D 173 -49.62 -11.27 -6.17
CA ARG D 173 -48.81 -12.07 -5.25
C ARG D 173 -47.88 -11.24 -4.37
N LEU D 174 -47.49 -10.06 -4.84
CA LEU D 174 -46.61 -9.16 -4.06
C LEU D 174 -47.41 -8.43 -3.00
N VAL D 175 -48.66 -8.08 -3.34
CA VAL D 175 -49.56 -7.39 -2.41
C VAL D 175 -49.90 -8.34 -1.27
N THR D 176 -50.15 -9.60 -1.61
CA THR D 176 -50.43 -10.65 -0.65
C THR D 176 -49.29 -10.77 0.34
N LEU D 177 -48.07 -10.93 -0.18
CA LEU D 177 -46.87 -11.02 0.63
C LEU D 177 -46.74 -9.85 1.61
N ARG D 178 -47.08 -8.65 1.15
CA ARG D 178 -47.06 -7.42 1.97
C ARG D 178 -48.08 -7.50 3.09
N LYS D 179 -49.29 -7.91 2.74
CA LYS D 179 -50.36 -8.06 3.70
C LYS D 179 -50.06 -9.10 4.77
N LYS D 180 -49.31 -10.14 4.40
CA LYS D 180 -48.96 -11.20 5.36
C LYS D 180 -47.90 -10.75 6.35
N VAL D 181 -46.97 -9.92 5.89
CA VAL D 181 -45.95 -9.37 6.78
C VAL D 181 -46.63 -8.40 7.72
N GLN D 182 -47.50 -7.57 7.17
CA GLN D 182 -48.23 -6.58 7.98
C GLN D 182 -49.16 -7.20 9.01
N ALA D 183 -49.61 -8.43 8.75
CA ALA D 183 -50.50 -9.14 9.68
C ALA D 183 -49.75 -9.80 10.82
N ILE D 184 -48.44 -10.07 10.67
CA ILE D 184 -47.65 -10.68 11.75
C ILE D 184 -47.89 -9.84 13.00
N PRO D 185 -48.45 -10.46 14.06
CA PRO D 185 -48.79 -9.78 15.33
C PRO D 185 -47.80 -8.72 15.78
N ALA D 186 -46.50 -9.03 15.88
CA ALA D 186 -45.51 -8.06 16.35
C ALA D 186 -45.31 -6.90 15.37
N VAL D 187 -45.45 -7.16 14.07
CA VAL D 187 -45.31 -6.10 13.07
C VAL D 187 -46.57 -5.23 13.10
N ALA D 188 -47.75 -5.85 13.11
CA ALA D 188 -49.01 -5.11 13.17
C ALA D 188 -49.02 -4.13 14.35
N ASN D 189 -48.48 -4.54 15.49
CA ASN D 189 -48.40 -3.68 16.66
C ASN D 189 -47.40 -2.56 16.45
N TRP D 190 -46.23 -2.88 15.88
CA TRP D 190 -45.26 -1.85 15.57
C TRP D 190 -45.79 -0.87 14.51
N ILE D 191 -46.60 -1.34 13.56
CA ILE D 191 -47.20 -0.45 12.56
C ILE D 191 -48.19 0.53 13.23
N LYS D 192 -48.80 0.11 14.32
CA LYS D 192 -49.71 0.96 15.09
C LYS D 192 -48.95 1.91 16.05
N ARG D 193 -47.86 1.42 16.63
CA ARG D 193 -47.12 2.22 17.60
C ARG D 193 -46.18 3.26 17.01
N ARG D 194 -45.51 2.91 15.90
CA ARG D 194 -44.50 3.80 15.30
C ARG D 194 -45.10 5.16 14.95
N PRO D 195 -44.26 6.23 14.96
CA PRO D 195 -44.72 7.56 14.56
C PRO D 195 -45.07 7.50 13.09
N GLN D 196 -46.14 8.17 12.70
CA GLN D 196 -46.57 8.20 11.30
C GLN D 196 -45.83 9.30 10.55
N THR D 197 -44.92 8.88 9.67
CA THR D 197 -44.11 9.78 8.87
C THR D 197 -44.28 9.40 7.42
N LYS D 198 -43.97 10.33 6.52
CA LYS D 198 -44.12 10.08 5.09
C LYS D 198 -43.18 8.97 4.63
N LEU D 199 -41.90 9.12 4.95
CA LEU D 199 -40.86 8.16 4.58
C LEU D 199 -40.29 7.46 5.81
#